data_6E8Y
#
_entry.id   6E8Y
#
_cell.length_a   63.370
_cell.length_b   76.160
_cell.length_c   64.390
_cell.angle_alpha   90.00
_cell.angle_beta   96.03
_cell.angle_gamma   90.00
#
_symmetry.space_group_name_H-M   'P 1 21 1'
#
loop_
_entity.id
_entity.type
_entity.pdbx_description
1 polymer 'Glycerol-3-phosphate dehydrogenase [NAD(+)], cytoplasmic'
2 non-polymer 'PHOSPHATE ION'
3 non-polymer 2,2-bis(hydroxymethyl)propane-1,3-diol
4 non-polymer 'POTASSIUM ION'
5 water water
#
_entity_poly.entity_id   1
_entity_poly.type   'polypeptide(L)'
_entity_poly.pdbx_seq_one_letter_code
;MASKKVCIVGSGNWGSAIAKIVGGNAAQLAQFDPRVTMWVFEEDIGGKKLTEIINTQHENVKYLPGHKLPPNVVAVPDVV
QAAEDADILIFVVPHQFIGKICDQLKGHLKANATGISLIKGVDEGPNGLKLISEVIGERLGIPMSVLMGANIASEVADEK
FCETTIGCKDPAQGQLLKELMQTPNFRITVVQEVDTVEICGALKNVVAVGAGFCDGLGFGDNTKAAVIRLGLMEMIAFAK
LFCSGPVSSATFLESCGVADLITTCYGGRNRKVAEAFARTGKSIEQLEKELLNGQKLQGPETARELYSILQHKGLVDKFP
LFMAVYKVCYEGQPVGEFIHCLQNHPEHM
;
_entity_poly.pdbx_strand_id   A,B
#
# COMPACT_ATOMS: atom_id res chain seq x y z
N ALA A 2 -4.69 36.95 -20.82
CA ALA A 2 -6.04 36.54 -21.21
C ALA A 2 -6.29 35.12 -20.70
N SER A 3 -7.24 34.42 -21.31
CA SER A 3 -7.47 33.03 -20.96
C SER A 3 -6.30 32.18 -21.48
N LYS A 4 -5.98 31.11 -20.75
CA LYS A 4 -4.79 30.31 -21.03
C LYS A 4 -5.06 29.32 -22.14
N LYS A 5 -4.13 29.23 -23.08
CA LYS A 5 -4.23 28.33 -24.21
C LYS A 5 -3.50 27.03 -23.88
N VAL A 6 -4.11 25.91 -24.25
CA VAL A 6 -3.59 24.58 -23.95
C VAL A 6 -3.29 23.85 -25.25
N CYS A 7 -2.13 23.21 -25.27
CA CYS A 7 -1.79 22.25 -26.30
C CYS A 7 -1.55 20.88 -25.64
N ILE A 8 -2.25 19.88 -26.14
CA ILE A 8 -2.01 18.49 -25.76
C ILE A 8 -1.03 17.92 -26.77
N VAL A 9 0.21 17.70 -26.33
CA VAL A 9 1.25 17.16 -27.21
C VAL A 9 1.19 15.65 -27.06
N GLY A 10 0.44 15.02 -27.96
CA GLY A 10 0.29 13.58 -28.01
C GLY A 10 -1.17 13.27 -28.27
N SER A 11 -1.43 12.07 -28.80
CA SER A 11 -2.79 11.73 -29.19
C SER A 11 -2.99 10.23 -29.24
N GLY A 12 -2.29 9.51 -28.39
CA GLY A 12 -2.46 8.07 -28.30
C GLY A 12 -3.69 7.74 -27.50
N ASN A 13 -3.74 6.49 -27.05
CA ASN A 13 -4.79 6.06 -26.14
C ASN A 13 -4.86 7.00 -24.94
N TRP A 14 -3.71 7.28 -24.36
CA TRP A 14 -3.62 8.12 -23.16
C TRP A 14 -3.87 9.59 -23.50
N GLY A 15 -3.23 10.08 -24.57
CA GLY A 15 -3.43 11.45 -24.98
C GLY A 15 -4.87 11.76 -25.39
N SER A 16 -5.55 10.80 -26.03
CA SER A 16 -6.96 11.01 -26.39
C SER A 16 -7.84 11.00 -25.15
N ALA A 17 -7.63 10.02 -24.27
CA ALA A 17 -8.35 10.02 -22.99
C ALA A 17 -8.21 11.36 -22.30
N ILE A 18 -6.98 11.87 -22.22
CA ILE A 18 -6.77 13.13 -21.55
C ILE A 18 -7.42 14.29 -22.30
N ALA A 19 -7.48 14.20 -23.63
CA ALA A 19 -8.20 15.21 -24.42
C ALA A 19 -9.65 15.35 -23.97
N LYS A 20 -10.35 14.21 -23.83
CA LYS A 20 -11.74 14.24 -23.35
C LYS A 20 -11.88 15.12 -22.12
N ILE A 21 -11.04 14.90 -21.12
CA ILE A 21 -11.14 15.66 -19.88
C ILE A 21 -10.79 17.11 -20.13
N VAL A 22 -9.63 17.34 -20.77
CA VAL A 22 -9.13 18.69 -20.89
C VAL A 22 -9.98 19.48 -21.85
N GLY A 23 -10.41 18.88 -22.96
CA GLY A 23 -11.31 19.58 -23.86
C GLY A 23 -12.59 19.96 -23.14
N GLY A 24 -13.19 18.99 -22.45
CA GLY A 24 -14.36 19.30 -21.63
C GLY A 24 -14.11 20.46 -20.69
N ASN A 25 -13.02 20.42 -19.94
CA ASN A 25 -12.81 21.44 -18.91
C ASN A 25 -12.35 22.77 -19.47
N ALA A 26 -11.57 22.76 -20.56
CA ALA A 26 -11.20 24.01 -21.19
C ALA A 26 -12.43 24.70 -21.77
N ALA A 27 -13.31 23.95 -22.45
CA ALA A 27 -14.55 24.56 -22.95
C ALA A 27 -15.38 25.12 -21.81
N GLN A 28 -15.57 24.34 -20.75
CA GLN A 28 -16.43 24.74 -19.64
C GLN A 28 -15.88 25.94 -18.87
N LEU A 29 -14.61 25.91 -18.48
CA LEU A 29 -14.12 26.82 -17.43
C LEU A 29 -13.64 28.13 -18.03
N ALA A 30 -14.04 29.24 -17.39
CA ALA A 30 -13.82 30.55 -17.97
C ALA A 30 -12.35 30.80 -18.23
N GLN A 31 -11.48 30.33 -17.34
CA GLN A 31 -10.10 30.84 -17.34
C GLN A 31 -9.24 30.20 -18.42
N PHE A 32 -9.81 29.28 -19.20
CA PHE A 32 -9.12 28.57 -20.25
C PHE A 32 -9.77 28.88 -21.59
N ASP A 33 -8.94 29.05 -22.60
CA ASP A 33 -9.42 29.18 -23.94
C ASP A 33 -10.00 27.85 -24.40
N PRO A 34 -11.23 27.82 -24.91
CA PRO A 34 -11.81 26.54 -25.33
C PRO A 34 -11.08 25.88 -26.46
N ARG A 35 -10.34 26.63 -27.25
CA ARG A 35 -9.66 26.00 -28.38
C ARG A 35 -8.43 25.33 -27.81
N VAL A 36 -8.48 24.01 -27.78
CA VAL A 36 -7.40 23.17 -27.30
C VAL A 36 -6.82 22.48 -28.51
N THR A 37 -5.55 22.74 -28.78
CA THR A 37 -4.87 22.02 -29.82
C THR A 37 -4.41 20.67 -29.31
N MET A 38 -4.34 19.73 -30.24
CA MET A 38 -3.85 18.44 -29.94
C MET A 38 -2.98 18.00 -31.08
N TRP A 39 -1.71 17.77 -30.84
CA TRP A 39 -0.80 17.35 -31.90
C TRP A 39 -1.03 15.87 -32.21
N VAL A 40 -1.28 15.58 -33.49
CA VAL A 40 -1.49 14.22 -34.01
C VAL A 40 -0.45 13.91 -35.08
N PHE A 41 0.41 12.93 -34.83
CA PHE A 41 1.18 12.34 -35.91
C PHE A 41 0.22 11.80 -36.96
N GLU A 42 0.23 12.37 -38.16
CA GLU A 42 -0.80 12.02 -39.12
C GLU A 42 -0.55 10.62 -39.68
N GLU A 43 -1.64 9.94 -40.00
CA GLU A 43 -1.63 8.56 -40.46
C GLU A 43 -2.56 8.45 -41.66
N ASP A 44 -2.15 7.67 -42.66
CA ASP A 44 -3.01 7.44 -43.81
C ASP A 44 -4.44 7.15 -43.37
N ILE A 45 -4.64 5.95 -42.83
CA ILE A 45 -5.94 5.43 -42.44
C ILE A 45 -6.73 6.46 -41.62
N LEU A 50 -5.33 10.68 -40.81
CA LEU A 50 -5.90 10.57 -39.46
C LEU A 50 -6.39 11.90 -38.83
N THR A 51 -5.61 12.99 -38.94
CA THR A 51 -6.03 14.22 -38.29
C THR A 51 -7.30 14.76 -38.93
N GLU A 52 -7.50 14.45 -40.22
CA GLU A 52 -8.73 14.81 -40.90
C GLU A 52 -9.90 13.99 -40.35
N ILE A 53 -9.69 12.69 -40.16
CA ILE A 53 -10.74 11.87 -39.55
C ILE A 53 -11.13 12.42 -38.18
N ILE A 54 -10.14 12.89 -37.39
CA ILE A 54 -10.46 13.40 -36.04
C ILE A 54 -11.30 14.67 -36.11
N ASN A 55 -10.93 15.62 -36.97
CA ASN A 55 -11.68 16.89 -36.97
C ASN A 55 -13.05 16.75 -37.61
N THR A 56 -13.20 15.81 -38.55
CA THR A 56 -14.53 15.50 -39.08
C THR A 56 -15.33 14.69 -38.06
N GLN A 57 -14.93 13.43 -37.88
CA GLN A 57 -15.72 12.49 -37.09
C GLN A 57 -15.54 12.67 -35.58
N HIS A 58 -14.52 13.42 -35.12
CA HIS A 58 -14.27 13.66 -33.69
C HIS A 58 -14.05 12.35 -32.94
N GLU A 59 -13.13 11.52 -33.43
CA GLU A 59 -12.83 10.26 -32.78
C GLU A 59 -11.52 9.74 -33.30
N ASN A 60 -10.62 9.39 -32.39
CA ASN A 60 -9.34 8.82 -32.79
C ASN A 60 -9.55 7.33 -33.07
N VAL A 61 -10.09 7.07 -34.25
CA VAL A 61 -10.57 5.76 -34.65
C VAL A 61 -9.47 4.71 -34.53
N LYS A 62 -8.20 5.12 -34.52
CA LYS A 62 -7.13 4.15 -34.38
C LYS A 62 -6.74 3.92 -32.93
N TYR A 63 -6.77 4.95 -32.09
CA TYR A 63 -6.19 4.89 -30.76
C TYR A 63 -7.19 5.00 -29.62
N LEU A 64 -8.37 5.60 -29.85
CA LEU A 64 -9.46 5.61 -28.87
C LEU A 64 -10.79 5.32 -29.57
N PRO A 65 -10.89 4.18 -30.27
CA PRO A 65 -12.13 3.85 -30.96
C PRO A 65 -13.29 3.76 -29.99
N GLY A 66 -14.46 4.19 -30.46
CA GLY A 66 -15.66 4.22 -29.68
C GLY A 66 -15.96 5.55 -28.99
N HIS A 67 -14.95 6.33 -28.65
CA HIS A 67 -15.13 7.49 -27.77
C HIS A 67 -15.20 8.79 -28.56
N LYS A 68 -15.88 9.76 -27.97
CA LYS A 68 -16.07 11.06 -28.59
C LYS A 68 -15.14 12.06 -27.90
N LEU A 69 -14.10 12.47 -28.61
CA LEU A 69 -13.34 13.63 -28.17
C LEU A 69 -14.20 14.87 -28.36
N PRO A 70 -14.18 15.83 -27.46
CA PRO A 70 -15.06 16.99 -27.61
C PRO A 70 -14.67 17.81 -28.83
N PRO A 71 -15.58 18.66 -29.32
CA PRO A 71 -15.36 19.28 -30.64
C PRO A 71 -14.39 20.46 -30.64
N ASN A 72 -14.29 21.17 -29.52
CA ASN A 72 -13.32 22.25 -29.37
C ASN A 72 -11.87 21.74 -29.33
N VAL A 73 -11.62 20.45 -29.55
CA VAL A 73 -10.30 19.88 -29.52
C VAL A 73 -9.89 19.64 -30.98
N VAL A 74 -8.85 20.33 -31.44
CA VAL A 74 -8.45 20.37 -32.86
C VAL A 74 -7.18 19.56 -33.04
N ALA A 75 -7.26 18.48 -33.83
CA ALA A 75 -6.04 17.84 -34.29
C ALA A 75 -5.21 18.81 -35.13
N VAL A 76 -3.89 18.73 -34.98
CA VAL A 76 -2.94 19.53 -35.77
C VAL A 76 -1.76 18.65 -36.11
N PRO A 77 -1.41 18.45 -37.38
CA PRO A 77 -0.36 17.48 -37.72
C PRO A 77 1.04 17.96 -37.40
N ASP A 78 1.27 19.26 -37.39
CA ASP A 78 2.61 19.81 -37.14
C ASP A 78 2.71 20.27 -35.69
N VAL A 79 3.68 19.73 -34.95
CA VAL A 79 3.69 19.96 -33.50
C VAL A 79 4.04 21.41 -33.17
N VAL A 80 4.86 22.07 -33.99
CA VAL A 80 5.15 23.48 -33.72
C VAL A 80 3.88 24.31 -33.89
N GLN A 81 3.10 24.03 -34.94
CA GLN A 81 1.86 24.79 -35.13
C GLN A 81 0.87 24.50 -34.02
N ALA A 82 0.84 23.25 -33.54
CA ALA A 82 -0.05 22.92 -32.44
C ALA A 82 0.31 23.72 -31.19
N ALA A 83 1.60 23.90 -30.91
CA ALA A 83 2.10 24.33 -29.60
C ALA A 83 2.44 25.81 -29.51
N GLU A 84 2.63 26.47 -30.65
CA GLU A 84 3.37 27.74 -30.62
C GLU A 84 2.61 28.87 -29.95
N ASP A 85 1.28 28.82 -29.90
CA ASP A 85 0.50 29.83 -29.20
C ASP A 85 0.06 29.38 -27.81
N ALA A 86 0.52 28.22 -27.35
CA ALA A 86 0.01 27.65 -26.11
C ALA A 86 0.77 28.18 -24.89
N ASP A 87 0.02 28.42 -23.81
CA ASP A 87 0.56 28.78 -22.51
C ASP A 87 0.91 27.56 -21.67
N ILE A 88 0.17 26.48 -21.87
CA ILE A 88 0.31 25.25 -21.10
C ILE A 88 0.49 24.12 -22.10
N LEU A 89 1.59 23.38 -21.99
CA LEU A 89 1.85 22.24 -22.84
C LEU A 89 1.71 20.96 -22.00
N ILE A 90 0.89 20.04 -22.48
CA ILE A 90 0.64 18.78 -21.79
C ILE A 90 1.33 17.71 -22.61
N PHE A 91 2.44 17.19 -22.11
CA PHE A 91 3.20 16.19 -22.83
C PHE A 91 2.67 14.80 -22.52
N VAL A 92 2.15 14.13 -23.54
CA VAL A 92 1.53 12.84 -23.34
C VAL A 92 1.81 11.99 -24.57
N VAL A 93 3.09 11.77 -24.86
CA VAL A 93 3.46 10.91 -25.97
C VAL A 93 4.22 9.71 -25.42
N PRO A 94 4.37 8.66 -26.20
CA PRO A 94 5.25 7.57 -25.78
C PRO A 94 6.64 8.10 -25.49
N HIS A 95 7.24 7.55 -24.43
CA HIS A 95 8.59 7.96 -24.06
C HIS A 95 9.54 7.97 -25.25
N GLN A 96 9.38 7.06 -26.21
CA GLN A 96 10.38 6.97 -27.27
C GLN A 96 10.32 8.15 -28.24
N PHE A 97 9.28 8.95 -28.20
CA PHE A 97 9.16 10.08 -29.10
C PHE A 97 9.44 11.42 -28.43
N ILE A 98 9.51 11.48 -27.10
CA ILE A 98 9.57 12.79 -26.45
C ILE A 98 10.83 13.54 -26.88
N GLY A 99 11.92 12.82 -27.13
CA GLY A 99 13.14 13.48 -27.55
C GLY A 99 12.96 14.21 -28.86
N LYS A 100 12.37 13.53 -29.85
CA LYS A 100 12.17 14.10 -31.17
C LYS A 100 11.18 15.25 -31.12
N ILE A 101 10.11 15.12 -30.34
CA ILE A 101 9.16 16.22 -30.20
C ILE A 101 9.84 17.45 -29.62
N CYS A 102 10.61 17.29 -28.54
CA CYS A 102 11.26 18.44 -27.94
C CYS A 102 12.23 19.08 -28.94
N ASP A 103 12.90 18.26 -29.76
CA ASP A 103 13.82 18.85 -30.73
C ASP A 103 13.09 19.70 -31.78
N GLN A 104 11.87 19.33 -32.16
CA GLN A 104 11.13 20.16 -33.10
C GLN A 104 10.60 21.42 -32.42
N LEU A 105 10.33 21.36 -31.11
CA LEU A 105 9.69 22.48 -30.41
C LEU A 105 10.68 23.49 -29.87
N LYS A 106 11.93 23.07 -29.68
CA LYS A 106 12.96 23.91 -29.10
C LYS A 106 13.00 25.28 -29.77
N GLY A 107 12.83 26.34 -28.98
CA GLY A 107 12.94 27.69 -29.48
C GLY A 107 11.71 28.22 -30.18
N HIS A 108 10.62 27.45 -30.21
CA HIS A 108 9.40 27.84 -30.92
C HIS A 108 8.20 28.05 -29.99
N LEU A 109 8.42 28.16 -28.69
CA LEU A 109 7.33 28.24 -27.73
C LEU A 109 7.05 29.68 -27.35
N LYS A 110 5.81 29.93 -26.97
CA LYS A 110 5.39 31.25 -26.49
C LYS A 110 6.16 31.64 -25.24
N ALA A 111 6.42 32.93 -25.09
CA ALA A 111 7.13 33.40 -23.91
C ALA A 111 6.37 32.95 -22.66
N ASN A 112 7.09 32.54 -21.63
CA ASN A 112 6.53 32.14 -20.35
C ASN A 112 5.70 30.86 -20.41
N ALA A 113 5.71 30.14 -21.51
CA ALA A 113 4.99 28.87 -21.58
C ALA A 113 5.47 27.90 -20.51
N THR A 114 4.57 27.02 -20.06
CA THR A 114 4.90 26.03 -19.05
C THR A 114 4.41 24.66 -19.48
N GLY A 115 4.94 23.63 -18.84
CA GLY A 115 4.68 22.27 -19.26
C GLY A 115 4.29 21.36 -18.12
N ILE A 116 3.54 20.32 -18.45
CA ILE A 116 3.32 19.22 -17.53
C ILE A 116 3.48 17.91 -18.28
N SER A 117 4.22 16.97 -17.67
CA SER A 117 4.52 15.70 -18.27
C SER A 117 3.65 14.61 -17.65
N LEU A 118 2.95 13.86 -18.52
CA LEU A 118 2.17 12.69 -18.12
C LEU A 118 2.86 11.39 -18.53
N ILE A 119 4.12 11.48 -18.95
CA ILE A 119 4.86 10.35 -19.47
C ILE A 119 5.47 9.57 -18.31
N LYS A 120 4.99 8.37 -18.06
CA LYS A 120 5.44 7.63 -16.89
C LYS A 120 6.69 6.83 -17.25
N GLY A 121 7.71 6.92 -16.42
CA GLY A 121 8.93 6.19 -16.68
C GLY A 121 10.16 7.01 -16.35
N VAL A 122 11.31 6.66 -16.93
CA VAL A 122 12.54 7.36 -16.60
C VAL A 122 13.47 7.31 -17.80
N ASP A 123 14.36 8.32 -17.90
CA ASP A 123 15.30 8.46 -18.99
C ASP A 123 16.72 8.21 -18.46
N GLU A 124 17.71 8.48 -19.31
CA GLU A 124 19.12 8.25 -19.00
C GLU A 124 19.88 9.57 -18.98
N GLY A 125 20.89 9.66 -18.12
CA GLY A 125 21.63 10.91 -17.98
C GLY A 125 22.92 10.84 -17.17
N PRO A 126 23.52 12.01 -16.93
CA PRO A 126 24.85 12.04 -16.28
C PRO A 126 24.87 11.38 -14.92
N ASN A 127 23.75 11.38 -14.20
CA ASN A 127 23.61 10.71 -12.92
C ASN A 127 23.01 9.32 -13.06
N GLY A 128 23.12 8.70 -14.24
CA GLY A 128 22.51 7.41 -14.48
C GLY A 128 21.06 7.54 -14.91
N LEU A 129 20.15 7.59 -13.95
CA LEU A 129 18.76 7.86 -14.28
C LEU A 129 18.57 9.36 -14.48
N LYS A 130 17.65 9.71 -15.37
CA LYS A 130 17.25 11.09 -15.54
C LYS A 130 15.75 11.16 -15.78
N LEU A 131 15.08 12.02 -15.03
CA LEU A 131 13.64 12.19 -15.17
C LEU A 131 13.28 12.76 -16.54
N ILE A 132 12.26 12.19 -17.17
CA ILE A 132 11.76 12.71 -18.44
C ILE A 132 11.41 14.21 -18.34
N SER A 133 10.80 14.64 -17.23
CA SER A 133 10.43 16.05 -17.10
C SER A 133 11.65 16.97 -17.20
N GLU A 134 12.82 16.50 -16.76
CA GLU A 134 14.04 17.27 -16.90
C GLU A 134 14.57 17.24 -18.32
N VAL A 135 14.49 16.09 -18.98
CA VAL A 135 14.84 16.04 -20.40
C VAL A 135 14.03 17.10 -21.13
N ILE A 136 12.72 17.15 -20.85
CA ILE A 136 11.86 18.10 -21.56
C ILE A 136 12.21 19.53 -21.16
N GLY A 137 12.25 19.79 -19.85
CA GLY A 137 12.43 21.14 -19.35
C GLY A 137 13.76 21.75 -19.71
N GLU A 138 14.83 20.94 -19.75
CA GLU A 138 16.13 21.46 -20.17
C GLU A 138 16.20 21.66 -21.69
N ARG A 139 15.60 20.76 -22.48
CA ARG A 139 15.66 20.92 -23.92
C ARG A 139 14.93 22.17 -24.37
N LEU A 140 13.81 22.50 -23.70
CA LEU A 140 12.91 23.56 -24.11
C LEU A 140 13.03 24.83 -23.26
N GLY A 141 13.67 24.75 -22.10
CA GLY A 141 13.73 25.86 -21.17
C GLY A 141 12.43 26.30 -20.57
N ILE A 142 11.54 25.36 -20.24
CA ILE A 142 10.28 25.76 -19.61
C ILE A 142 10.13 25.11 -18.23
N PRO A 143 9.39 25.71 -17.33
CA PRO A 143 9.12 25.02 -16.05
C PRO A 143 8.21 23.84 -16.27
N MET A 144 8.46 22.77 -15.50
CA MET A 144 7.79 21.50 -15.70
C MET A 144 7.14 21.01 -14.42
N SER A 145 5.95 20.49 -14.60
CA SER A 145 5.20 19.79 -13.60
C SER A 145 5.05 18.35 -14.08
N VAL A 146 4.50 17.50 -13.22
CA VAL A 146 4.21 16.13 -13.61
C VAL A 146 2.85 15.73 -13.09
N LEU A 147 2.25 14.76 -13.77
CA LEU A 147 1.00 14.13 -13.35
C LEU A 147 1.16 12.61 -13.39
N MET A 148 1.06 11.97 -12.24
CA MET A 148 1.26 10.52 -12.09
C MET A 148 0.34 9.94 -11.01
N GLY A 149 -0.27 8.81 -11.28
CA GLY A 149 -1.01 8.10 -10.25
C GLY A 149 -1.53 6.75 -10.71
N ALA A 150 -2.41 6.16 -9.90
CA ALA A 150 -2.98 4.85 -10.22
C ALA A 150 -4.12 5.06 -11.20
N ASN A 151 -3.80 5.07 -12.47
CA ASN A 151 -4.80 5.34 -13.49
C ASN A 151 -4.33 4.77 -14.83
N ILE A 152 -5.29 4.46 -15.68
CA ILE A 152 -4.98 4.00 -17.02
C ILE A 152 -5.94 4.66 -18.01
N ALA A 153 -5.51 4.74 -19.26
CA ALA A 153 -6.22 5.55 -20.24
C ALA A 153 -7.64 5.05 -20.45
N SER A 154 -7.80 3.73 -20.62
CA SER A 154 -9.13 3.19 -20.92
C SER A 154 -10.15 3.58 -19.86
N GLU A 155 -9.74 3.58 -18.59
CA GLU A 155 -10.65 3.89 -17.50
C GLU A 155 -10.92 5.37 -17.33
N VAL A 156 -9.92 6.23 -17.58
CA VAL A 156 -10.16 7.67 -17.56
C VAL A 156 -11.18 8.05 -18.65
N ALA A 157 -11.02 7.49 -19.84
CA ALA A 157 -11.97 7.77 -20.92
C ALA A 157 -13.36 7.25 -20.54
N ASP A 158 -13.42 6.06 -19.95
CA ASP A 158 -14.70 5.49 -19.51
C ASP A 158 -15.27 6.17 -18.27
N GLU A 159 -14.57 7.13 -17.68
CA GLU A 159 -15.04 7.86 -16.52
C GLU A 159 -15.18 6.96 -15.28
N LYS A 160 -14.32 5.94 -15.17
CA LYS A 160 -14.25 5.13 -13.96
C LYS A 160 -13.42 5.83 -12.89
N PHE A 161 -13.95 5.87 -11.67
CA PHE A 161 -13.36 6.67 -10.60
C PHE A 161 -11.91 6.30 -10.33
N CYS A 162 -11.07 7.30 -10.26
CA CYS A 162 -9.67 7.06 -9.89
C CYS A 162 -9.05 8.40 -9.50
N GLU A 163 -7.80 8.36 -9.04
CA GLU A 163 -7.12 9.57 -8.60
C GLU A 163 -5.82 9.75 -9.38
N THR A 164 -5.24 10.93 -9.21
CA THR A 164 -3.88 11.15 -9.66
C THR A 164 -3.22 12.22 -8.79
N THR A 165 -1.92 12.25 -8.84
CA THR A 165 -1.12 13.26 -8.18
C THR A 165 -0.54 14.21 -9.21
N ILE A 166 -0.51 15.51 -8.87
CA ILE A 166 0.19 16.49 -9.68
C ILE A 166 1.34 17.01 -8.84
N GLY A 167 2.55 16.93 -9.39
CA GLY A 167 3.72 17.51 -8.75
C GLY A 167 4.03 18.81 -9.45
N CYS A 168 3.97 19.91 -8.69
CA CYS A 168 4.19 21.23 -9.27
C CYS A 168 4.80 22.15 -8.22
N LYS A 169 5.95 22.75 -8.57
CA LYS A 169 6.69 23.62 -7.65
C LYS A 169 5.92 24.90 -7.33
N ASP A 170 5.24 25.46 -8.32
CA ASP A 170 4.59 26.77 -8.16
C ASP A 170 3.13 26.62 -7.75
N PRO A 171 2.71 27.17 -6.61
CA PRO A 171 1.32 26.94 -6.16
C PRO A 171 0.26 27.41 -7.13
N ALA A 172 0.40 28.61 -7.68
CA ALA A 172 -0.65 29.10 -8.54
C ALA A 172 -0.71 28.25 -9.82
N GLN A 173 0.43 27.83 -10.33
CA GLN A 173 0.42 26.97 -11.50
C GLN A 173 -0.19 25.60 -11.19
N GLY A 174 0.16 25.03 -10.03
CA GLY A 174 -0.48 23.80 -9.59
C GLY A 174 -1.99 23.88 -9.56
N GLN A 175 -2.53 24.97 -9.04
CA GLN A 175 -3.98 25.11 -8.93
C GLN A 175 -4.63 25.21 -10.30
N LEU A 176 -3.97 25.90 -11.23
CA LEU A 176 -4.41 25.96 -12.61
C LEU A 176 -4.42 24.59 -13.26
N LEU A 177 -3.38 23.80 -13.00
CA LEU A 177 -3.36 22.48 -13.61
C LEU A 177 -4.45 21.59 -13.01
N LYS A 178 -4.72 21.73 -11.71
CA LYS A 178 -5.77 20.94 -11.06
C LYS A 178 -7.13 21.27 -11.66
N GLU A 179 -7.37 22.54 -11.94
CA GLU A 179 -8.63 22.98 -12.58
C GLU A 179 -8.75 22.46 -13.99
N LEU A 180 -7.64 22.42 -14.72
CA LEU A 180 -7.71 21.93 -16.08
C LEU A 180 -8.03 20.42 -16.11
N MET A 181 -7.56 19.67 -15.12
CA MET A 181 -7.57 18.22 -15.22
C MET A 181 -8.62 17.51 -14.37
N GLN A 182 -9.16 18.14 -13.34
CA GLN A 182 -9.95 17.42 -12.37
C GLN A 182 -11.41 17.31 -12.82
N THR A 183 -11.99 16.11 -12.62
CA THR A 183 -13.42 15.87 -12.78
C THR A 183 -13.92 15.09 -11.58
N PRO A 184 -15.23 14.85 -11.48
CA PRO A 184 -15.73 14.03 -10.37
C PRO A 184 -15.19 12.61 -10.34
N ASN A 185 -14.71 12.06 -11.46
CA ASN A 185 -14.15 10.71 -11.47
C ASN A 185 -12.65 10.69 -11.73
N PHE A 186 -11.99 11.86 -11.70
CA PHE A 186 -10.55 11.95 -11.88
C PHE A 186 -10.08 12.99 -10.88
N ARG A 187 -9.80 12.54 -9.65
CA ARG A 187 -9.53 13.43 -8.53
C ARG A 187 -8.04 13.68 -8.38
N ILE A 188 -7.69 14.93 -8.12
CA ILE A 188 -6.29 15.38 -8.16
C ILE A 188 -5.87 15.90 -6.81
N THR A 189 -4.68 15.48 -6.36
CA THR A 189 -3.99 16.12 -5.26
C THR A 189 -2.73 16.77 -5.81
N VAL A 190 -2.55 18.06 -5.53
CA VAL A 190 -1.34 18.77 -5.94
C VAL A 190 -0.37 18.72 -4.79
N VAL A 191 0.88 18.35 -5.08
CA VAL A 191 1.94 18.46 -4.09
C VAL A 191 3.07 19.24 -4.73
N GLN A 192 3.97 19.77 -3.89
CA GLN A 192 5.06 20.62 -4.38
C GLN A 192 6.29 19.85 -4.86
N GLU A 193 6.34 18.54 -4.69
CA GLU A 193 7.54 17.77 -5.02
C GLU A 193 7.41 17.09 -6.40
N VAL A 194 8.04 17.68 -7.41
CA VAL A 194 8.02 17.12 -8.76
C VAL A 194 8.81 15.81 -8.83
N ASP A 195 10.11 15.87 -8.50
CA ASP A 195 10.98 14.71 -8.66
C ASP A 195 10.44 13.49 -7.94
N THR A 196 9.92 13.71 -6.73
CA THR A 196 9.43 12.61 -5.92
C THR A 196 8.21 11.95 -6.55
N VAL A 197 7.27 12.74 -7.04
CA VAL A 197 6.11 12.17 -7.70
C VAL A 197 6.54 11.37 -8.91
N GLU A 198 7.49 11.92 -9.68
CA GLU A 198 7.84 11.36 -10.96
C GLU A 198 8.69 10.11 -10.81
N ILE A 199 9.57 10.08 -9.80
CA ILE A 199 10.48 8.95 -9.69
C ILE A 199 9.73 7.70 -9.26
N CYS A 200 8.56 7.85 -8.65
CA CYS A 200 7.76 6.68 -8.27
C CYS A 200 7.45 5.81 -9.48
N GLY A 201 7.15 6.45 -10.62
CA GLY A 201 6.71 5.70 -11.80
C GLY A 201 7.72 4.72 -12.33
N ALA A 202 9.00 5.02 -12.20
CA ALA A 202 10.02 4.08 -12.63
C ALA A 202 10.33 3.05 -11.57
N LEU A 203 10.41 3.47 -10.30
CA LEU A 203 10.84 2.55 -9.27
C LEU A 203 9.77 1.51 -8.97
N LYS A 204 8.51 1.87 -9.15
CA LYS A 204 7.44 0.93 -8.84
C LYS A 204 7.55 -0.32 -9.69
N ASN A 205 8.09 -0.21 -10.90
CA ASN A 205 8.17 -1.38 -11.76
C ASN A 205 9.22 -2.37 -11.29
N VAL A 206 10.26 -1.88 -10.61
CA VAL A 206 11.22 -2.80 -9.99
C VAL A 206 10.55 -3.60 -8.87
N VAL A 207 9.79 -2.94 -8.01
CA VAL A 207 9.09 -3.64 -6.93
C VAL A 207 8.12 -4.64 -7.53
N ALA A 208 7.46 -4.27 -8.62
CA ALA A 208 6.47 -5.16 -9.23
C ALA A 208 7.10 -6.46 -9.75
N VAL A 209 8.33 -6.38 -10.24
CA VAL A 209 9.06 -7.58 -10.59
C VAL A 209 9.23 -8.48 -9.36
N GLY A 210 9.58 -7.89 -8.22
CA GLY A 210 9.65 -8.67 -7.00
C GLY A 210 8.30 -9.24 -6.60
N ALA A 211 7.25 -8.44 -6.71
CA ALA A 211 5.92 -8.94 -6.40
C ALA A 211 5.53 -10.10 -7.31
N GLY A 212 5.87 -10.00 -8.60
CA GLY A 212 5.65 -11.10 -9.53
C GLY A 212 6.42 -12.35 -9.17
N PHE A 213 7.65 -12.21 -8.67
CA PHE A 213 8.43 -13.38 -8.20
C PHE A 213 7.63 -14.15 -7.12
N CYS A 214 7.11 -13.47 -6.11
CA CYS A 214 6.33 -14.00 -4.96
C CYS A 214 5.05 -14.67 -5.44
N ASP A 215 4.45 -14.05 -6.52
CA ASP A 215 3.30 -14.77 -7.05
C ASP A 215 3.73 -16.08 -7.72
N GLY A 216 4.80 -16.06 -8.52
CA GLY A 216 5.20 -17.25 -9.26
C GLY A 216 5.90 -18.30 -8.42
N LEU A 217 6.37 -17.94 -7.23
CA LEU A 217 6.92 -18.88 -6.27
C LEU A 217 5.85 -19.37 -5.28
N GLY A 218 4.64 -18.85 -5.37
CA GLY A 218 3.56 -19.38 -4.61
C GLY A 218 3.38 -18.82 -3.23
N PHE A 219 4.07 -17.73 -2.89
CA PHE A 219 3.81 -17.11 -1.60
C PHE A 219 2.44 -16.44 -1.61
N GLY A 220 1.92 -16.24 -0.40
CA GLY A 220 0.61 -15.68 -0.22
C GLY A 220 0.68 -14.19 -0.06
N ASP A 221 -0.48 -13.62 0.25
CA ASP A 221 -0.67 -12.18 0.26
C ASP A 221 0.13 -11.51 1.39
N ASN A 222 0.39 -12.20 2.52
CA ASN A 222 1.15 -11.54 3.59
C ASN A 222 2.62 -11.42 3.22
N THR A 223 3.18 -12.47 2.60
CA THR A 223 4.53 -12.37 2.07
C THR A 223 4.59 -11.29 1.00
N LYS A 224 3.66 -11.31 0.06
CA LYS A 224 3.64 -10.30 -0.97
C LYS A 224 3.50 -8.88 -0.39
N ALA A 225 2.68 -8.71 0.63
CA ALA A 225 2.54 -7.38 1.24
C ALA A 225 3.87 -6.88 1.82
N ALA A 226 4.66 -7.77 2.41
CA ALA A 226 5.99 -7.40 2.88
C ALA A 226 6.92 -7.04 1.72
N VAL A 227 6.91 -7.81 0.63
CA VAL A 227 7.70 -7.45 -0.56
C VAL A 227 7.30 -6.07 -1.06
N ILE A 228 5.98 -5.81 -1.16
CA ILE A 228 5.52 -4.51 -1.61
C ILE A 228 6.00 -3.43 -0.65
N ARG A 229 5.82 -3.65 0.65
CA ARG A 229 6.14 -2.61 1.63
C ARG A 229 7.64 -2.35 1.68
N LEU A 230 8.46 -3.41 1.69
CA LEU A 230 9.92 -3.18 1.69
C LEU A 230 10.34 -2.51 0.39
N GLY A 231 9.69 -2.87 -0.71
CA GLY A 231 9.92 -2.19 -1.96
C GLY A 231 9.61 -0.71 -1.84
N LEU A 232 8.49 -0.38 -1.19
CA LEU A 232 8.15 1.03 -0.97
C LEU A 232 9.18 1.74 -0.09
N MET A 233 9.67 1.06 0.94
CA MET A 233 10.69 1.62 1.81
C MET A 233 11.98 1.87 1.01
N GLU A 234 12.31 1.00 0.08
CA GLU A 234 13.48 1.23 -0.76
C GLU A 234 13.22 2.36 -1.77
N MET A 235 12.03 2.46 -2.33
CA MET A 235 11.70 3.62 -3.15
C MET A 235 11.97 4.92 -2.40
N ILE A 236 11.49 5.00 -1.17
CA ILE A 236 11.65 6.20 -0.36
C ILE A 236 13.13 6.49 -0.11
N ALA A 237 13.85 5.49 0.36
CA ALA A 237 15.26 5.71 0.68
C ALA A 237 16.05 6.05 -0.59
N PHE A 238 15.72 5.42 -1.71
CA PHE A 238 16.46 5.75 -2.93
C PHE A 238 16.14 7.17 -3.41
N ALA A 239 14.86 7.56 -3.35
CA ALA A 239 14.55 8.93 -3.76
C ALA A 239 15.24 9.94 -2.85
N LYS A 240 15.30 9.66 -1.56
CA LYS A 240 15.95 10.61 -0.64
C LYS A 240 17.43 10.78 -0.97
N LEU A 241 18.11 9.71 -1.35
CA LEU A 241 19.52 9.87 -1.65
C LEU A 241 19.77 10.34 -3.09
N PHE A 242 18.85 10.15 -4.04
CA PHE A 242 19.12 10.38 -5.45
C PHE A 242 18.49 11.66 -5.98
N CYS A 243 17.26 12.00 -5.57
CA CYS A 243 16.49 13.04 -6.22
C CYS A 243 16.94 14.43 -5.83
N SER A 244 16.82 15.35 -6.78
CA SER A 244 16.82 16.78 -6.47
C SER A 244 15.46 17.19 -5.94
N GLY A 245 15.42 18.33 -5.29
CA GLY A 245 14.16 18.83 -4.83
C GLY A 245 13.78 18.08 -3.58
N PRO A 246 12.83 18.62 -2.85
CA PRO A 246 12.49 18.04 -1.56
C PRO A 246 11.87 16.67 -1.70
N VAL A 247 12.24 15.76 -0.81
CA VAL A 247 11.66 14.40 -0.78
C VAL A 247 11.06 14.12 0.59
N SER A 248 9.75 13.90 0.61
CA SER A 248 8.97 13.57 1.80
C SER A 248 8.48 12.15 1.72
N SER A 249 8.61 11.38 2.82
CA SER A 249 7.90 10.10 2.94
C SER A 249 6.39 10.24 2.68
N ALA A 250 5.81 11.33 3.14
CA ALA A 250 4.37 11.55 2.95
C ALA A 250 3.98 11.58 1.47
N THR A 251 4.89 11.96 0.59
CA THR A 251 4.51 12.00 -0.82
C THR A 251 4.22 10.62 -1.36
N PHE A 252 4.86 9.60 -0.79
CA PHE A 252 4.67 8.23 -1.19
C PHE A 252 3.33 7.66 -0.78
N LEU A 253 2.57 8.38 0.03
CA LEU A 253 1.21 8.00 0.34
C LEU A 253 0.20 8.68 -0.59
N GLU A 254 0.65 9.45 -1.56
CA GLU A 254 -0.18 9.97 -2.63
C GLU A 254 -0.40 8.90 -3.71
N SER A 255 -1.26 9.20 -4.66
CA SER A 255 -1.64 8.20 -5.67
C SER A 255 -0.43 7.72 -6.47
N CYS A 256 0.52 8.63 -6.74
CA CYS A 256 1.74 8.30 -7.46
C CYS A 256 2.60 7.27 -6.73
N GLY A 257 2.43 7.15 -5.42
CA GLY A 257 3.26 6.27 -4.61
C GLY A 257 2.56 4.97 -4.30
N VAL A 258 1.94 4.89 -3.11
CA VAL A 258 1.41 3.62 -2.62
C VAL A 258 0.30 3.09 -3.53
N ALA A 259 -0.55 3.96 -4.07
CA ALA A 259 -1.68 3.45 -4.87
C ALA A 259 -1.22 2.87 -6.20
N ASP A 260 -0.39 3.60 -6.93
CA ASP A 260 0.13 3.08 -8.19
C ASP A 260 1.01 1.84 -7.93
N LEU A 261 1.73 1.85 -6.83
CA LEU A 261 2.51 0.66 -6.46
C LEU A 261 1.62 -0.58 -6.27
N ILE A 262 0.52 -0.45 -5.52
CA ILE A 262 -0.39 -1.56 -5.28
C ILE A 262 -0.96 -2.08 -6.59
N THR A 263 -1.47 -1.17 -7.43
CA THR A 263 -2.15 -1.60 -8.65
C THR A 263 -1.16 -2.27 -9.59
N THR A 264 0.07 -1.75 -9.65
CA THR A 264 1.11 -2.32 -10.51
C THR A 264 1.59 -3.68 -9.99
N CYS A 265 1.64 -3.87 -8.68
CA CYS A 265 2.04 -5.15 -8.09
C CYS A 265 0.91 -6.20 -8.14
N TYR A 266 -0.33 -5.80 -8.43
CA TYR A 266 -1.45 -6.74 -8.52
C TYR A 266 -1.97 -6.91 -9.94
N GLY A 267 -1.49 -6.10 -10.88
CA GLY A 267 -1.85 -6.18 -12.28
C GLY A 267 -1.00 -5.27 -13.16
N GLY A 268 -0.42 -5.81 -14.21
CA GLY A 268 0.55 -5.10 -15.02
C GLY A 268 1.58 -6.05 -15.61
N ARG A 269 2.23 -5.58 -16.67
CA ARG A 269 3.11 -6.46 -17.43
C ARG A 269 4.37 -6.82 -16.66
N ASN A 270 4.95 -5.90 -15.87
CA ASN A 270 6.11 -6.26 -15.05
C ASN A 270 5.78 -7.41 -14.09
N ARG A 271 4.67 -7.28 -13.35
CA ARG A 271 4.29 -8.36 -12.45
C ARG A 271 4.05 -9.65 -13.23
N LYS A 272 3.33 -9.56 -14.35
CA LYS A 272 2.97 -10.77 -15.09
C LYS A 272 4.21 -11.46 -15.65
N VAL A 273 5.11 -10.70 -16.28
CA VAL A 273 6.29 -11.33 -16.85
C VAL A 273 7.19 -11.88 -15.75
N ALA A 274 7.31 -11.16 -14.63
CA ALA A 274 8.12 -11.66 -13.52
C ALA A 274 7.58 -12.98 -12.97
N GLU A 275 6.24 -13.05 -12.78
CA GLU A 275 5.65 -14.30 -12.32
C GLU A 275 5.96 -15.43 -13.30
N ALA A 276 5.82 -15.19 -14.60
CA ALA A 276 6.12 -16.22 -15.60
C ALA A 276 7.59 -16.63 -15.53
N PHE A 277 8.51 -15.66 -15.40
CA PHE A 277 9.91 -16.00 -15.17
C PHE A 277 10.07 -16.95 -13.98
N ALA A 278 9.46 -16.62 -12.84
CA ALA A 278 9.59 -17.45 -11.64
C ALA A 278 8.99 -18.83 -11.86
N ARG A 279 7.84 -18.91 -12.52
CA ARG A 279 7.13 -20.18 -12.68
C ARG A 279 7.76 -21.10 -13.72
N THR A 280 8.36 -20.53 -14.77
CA THR A 280 8.77 -21.33 -15.93
C THR A 280 10.27 -21.43 -16.14
N GLY A 281 11.06 -20.58 -15.50
CA GLY A 281 12.48 -20.53 -15.78
C GLY A 281 12.87 -19.95 -17.14
N LYS A 282 11.91 -19.45 -17.90
CA LYS A 282 12.24 -18.72 -19.13
C LYS A 282 12.88 -17.39 -18.79
N SER A 283 13.83 -16.96 -19.62
CA SER A 283 14.51 -15.70 -19.41
C SER A 283 13.56 -14.52 -19.67
N ILE A 284 13.91 -13.36 -19.12
CA ILE A 284 13.14 -12.14 -19.40
C ILE A 284 13.07 -11.89 -20.90
N GLU A 285 14.21 -12.02 -21.59
CA GLU A 285 14.25 -11.73 -23.03
C GLU A 285 13.28 -12.64 -23.77
N GLN A 286 13.30 -13.94 -23.43
CA GLN A 286 12.41 -14.90 -24.07
C GLN A 286 10.96 -14.57 -23.80
N LEU A 287 10.64 -14.21 -22.53
CA LEU A 287 9.28 -13.85 -22.19
C LEU A 287 8.84 -12.57 -22.88
N GLU A 288 9.75 -11.60 -23.01
CA GLU A 288 9.43 -10.40 -23.78
C GLU A 288 9.04 -10.76 -25.21
N LYS A 289 9.79 -11.67 -25.83
CA LYS A 289 9.46 -12.14 -27.18
C LYS A 289 8.09 -12.79 -27.23
N GLU A 290 7.86 -13.77 -26.34
CA GLU A 290 6.57 -14.48 -26.32
C GLU A 290 5.41 -13.56 -25.99
N LEU A 291 5.56 -12.67 -25.01
CA LEU A 291 4.41 -11.96 -24.45
C LEU A 291 4.29 -10.50 -24.86
N LEU A 292 5.37 -9.83 -25.30
CA LEU A 292 5.35 -8.38 -25.50
C LEU A 292 5.97 -7.95 -26.82
N ASN A 293 5.91 -8.81 -27.84
CA ASN A 293 6.52 -8.57 -29.15
C ASN A 293 7.95 -8.04 -29.06
N GLY A 294 8.72 -8.58 -28.13
CA GLY A 294 10.10 -8.15 -27.97
C GLY A 294 10.27 -6.78 -27.36
N GLN A 295 9.18 -6.07 -27.05
CA GLN A 295 9.27 -4.85 -26.26
C GLN A 295 9.99 -5.11 -24.94
N LYS A 296 10.77 -4.14 -24.48
CA LYS A 296 11.62 -4.32 -23.32
C LYS A 296 10.82 -4.00 -22.06
N LEU A 297 10.90 -4.90 -21.10
CA LEU A 297 10.23 -4.73 -19.81
C LEU A 297 11.06 -3.77 -18.96
N GLN A 298 10.45 -2.68 -18.49
CA GLN A 298 11.25 -1.58 -17.93
C GLN A 298 11.72 -1.84 -16.52
N GLY A 299 11.04 -2.70 -15.79
CA GLY A 299 11.41 -2.95 -14.41
C GLY A 299 12.82 -3.50 -14.28
N PRO A 300 13.12 -4.53 -15.05
CA PRO A 300 14.49 -5.05 -15.00
C PRO A 300 15.50 -4.01 -15.48
N GLU A 301 15.17 -3.27 -16.53
CA GLU A 301 16.12 -2.27 -17.04
C GLU A 301 16.40 -1.20 -16.00
N THR A 302 15.37 -0.77 -15.29
CA THR A 302 15.56 0.22 -14.24
C THR A 302 16.43 -0.35 -13.13
N ALA A 303 16.22 -1.63 -12.79
CA ALA A 303 17.02 -2.27 -11.76
C ALA A 303 18.49 -2.26 -12.12
N ARG A 304 18.82 -2.43 -13.38
CA ARG A 304 20.24 -2.41 -13.81
C ARG A 304 20.80 -1.00 -13.53
N GLU A 305 20.03 0.03 -13.86
CA GLU A 305 20.48 1.41 -13.66
C GLU A 305 20.64 1.71 -12.19
N LEU A 306 19.71 1.23 -11.35
CA LEU A 306 19.88 1.38 -9.92
C LEU A 306 21.16 0.73 -9.44
N TYR A 307 21.43 -0.47 -9.92
CA TYR A 307 22.65 -1.16 -9.51
C TYR A 307 23.87 -0.29 -9.75
N SER A 308 24.00 0.28 -10.94
CA SER A 308 25.15 1.14 -11.33
C SER A 308 25.20 2.33 -10.40
N ILE A 309 24.08 3.01 -10.21
CA ILE A 309 24.09 4.17 -9.32
C ILE A 309 24.56 3.77 -7.94
N LEU A 310 24.00 2.69 -7.40
CA LEU A 310 24.31 2.29 -6.04
C LEU A 310 25.73 1.74 -5.93
N GLN A 311 26.24 1.11 -6.97
CA GLN A 311 27.63 0.63 -6.93
C GLN A 311 28.61 1.80 -6.88
N HIS A 312 28.33 2.88 -7.62
CA HIS A 312 29.20 4.06 -7.55
C HIS A 312 29.14 4.76 -6.21
N LYS A 313 28.08 4.57 -5.44
CA LYS A 313 27.96 5.15 -4.11
C LYS A 313 28.33 4.18 -2.99
N GLY A 314 28.67 2.93 -3.31
CA GLY A 314 28.94 1.96 -2.26
C GLY A 314 27.73 1.59 -1.43
N LEU A 315 26.55 1.56 -2.03
CA LEU A 315 25.33 1.37 -1.27
C LEU A 315 24.52 0.17 -1.75
N VAL A 316 25.11 -0.74 -2.51
CA VAL A 316 24.37 -1.91 -3.00
C VAL A 316 23.72 -2.66 -1.83
N ASP A 317 24.45 -2.80 -0.73
CA ASP A 317 23.95 -3.55 0.40
C ASP A 317 22.73 -2.95 1.10
N LYS A 318 22.43 -1.69 0.87
CA LYS A 318 21.30 -1.05 1.54
C LYS A 318 19.98 -1.21 0.80
N PHE A 319 19.98 -1.81 -0.39
CA PHE A 319 18.77 -1.96 -1.19
C PHE A 319 18.64 -3.42 -1.65
N PRO A 320 18.46 -4.33 -0.71
CA PRO A 320 18.44 -5.75 -1.07
C PRO A 320 17.34 -6.16 -2.05
N LEU A 321 16.16 -5.52 -1.99
CA LEU A 321 15.11 -5.92 -2.90
C LEU A 321 15.45 -5.47 -4.33
N PHE A 322 15.75 -4.16 -4.51
CA PHE A 322 16.16 -3.66 -5.81
C PHE A 322 17.29 -4.50 -6.35
N MET A 323 18.28 -4.83 -5.53
CA MET A 323 19.46 -5.57 -6.00
C MET A 323 19.18 -7.05 -6.25
N ALA A 324 18.24 -7.65 -5.51
CA ALA A 324 17.82 -9.00 -5.83
C ALA A 324 17.12 -9.06 -7.17
N VAL A 325 16.25 -8.08 -7.47
CA VAL A 325 15.66 -8.02 -8.80
C VAL A 325 16.76 -7.98 -9.86
N TYR A 326 17.77 -7.13 -9.66
CA TYR A 326 18.82 -7.02 -10.68
C TYR A 326 19.59 -8.35 -10.80
N LYS A 327 19.97 -8.95 -9.69
CA LYS A 327 20.79 -10.15 -9.75
C LYS A 327 20.01 -11.33 -10.28
N VAL A 328 18.71 -11.42 -9.99
CA VAL A 328 17.93 -12.50 -10.54
C VAL A 328 17.77 -12.33 -12.04
N CYS A 329 17.51 -11.09 -12.49
CA CYS A 329 17.26 -10.88 -13.91
C CYS A 329 18.55 -10.92 -14.74
N TYR A 330 19.72 -10.60 -14.17
CA TYR A 330 20.92 -10.38 -15.00
C TYR A 330 22.16 -11.18 -14.60
N GLU A 331 22.25 -11.67 -13.37
CA GLU A 331 23.44 -12.40 -12.91
C GLU A 331 23.13 -13.85 -12.57
N GLY A 332 21.97 -14.35 -12.96
CA GLY A 332 21.71 -15.76 -12.74
C GLY A 332 21.42 -16.15 -11.32
N GLN A 333 21.14 -15.21 -10.45
CA GLN A 333 20.78 -15.57 -9.10
C GLN A 333 19.46 -16.33 -9.13
N PRO A 334 19.37 -17.51 -8.51
CA PRO A 334 18.12 -18.28 -8.61
C PRO A 334 16.95 -17.52 -8.01
N VAL A 335 15.84 -17.43 -8.76
CA VAL A 335 14.69 -16.64 -8.33
C VAL A 335 14.17 -17.20 -7.00
N GLY A 336 14.38 -18.49 -6.76
CA GLY A 336 13.90 -19.07 -5.52
C GLY A 336 14.58 -18.52 -4.29
N GLU A 337 15.69 -17.81 -4.47
CA GLU A 337 16.43 -17.14 -3.42
C GLU A 337 15.94 -15.75 -3.13
N PHE A 338 14.96 -15.25 -3.89
CA PHE A 338 14.54 -13.86 -3.78
C PHE A 338 14.14 -13.52 -2.35
N ILE A 339 13.33 -14.36 -1.72
CA ILE A 339 12.82 -14.02 -0.40
C ILE A 339 13.97 -13.99 0.60
N HIS A 340 14.91 -14.93 0.47
CA HIS A 340 16.04 -14.99 1.39
C HIS A 340 16.76 -13.66 1.41
N CYS A 341 16.81 -12.96 0.28
CA CYS A 341 17.50 -11.69 0.22
C CYS A 341 16.78 -10.59 1.02
N LEU A 342 15.57 -10.85 1.51
CA LEU A 342 14.83 -9.89 2.31
C LEU A 342 14.89 -10.19 3.80
N GLN A 343 15.65 -11.20 4.21
CA GLN A 343 15.64 -11.63 5.61
C GLN A 343 16.65 -10.90 6.48
N ASN A 344 17.45 -10.00 5.91
CA ASN A 344 18.34 -9.18 6.72
C ASN A 344 18.27 -7.73 6.25
N HIS A 345 17.02 -7.23 6.13
CA HIS A 345 16.79 -5.98 5.47
C HIS A 345 17.18 -4.81 6.37
N PRO A 346 17.72 -3.74 5.81
CA PRO A 346 17.99 -2.55 6.63
C PRO A 346 16.81 -2.07 7.47
N GLU A 347 15.59 -2.20 6.97
CA GLU A 347 14.43 -1.71 7.72
C GLU A 347 14.28 -2.40 9.05
N HIS A 348 14.81 -3.63 9.20
CA HIS A 348 14.68 -4.41 10.41
C HIS A 348 15.94 -4.43 11.26
N MET A 349 16.95 -3.68 10.87
CA MET A 349 18.20 -3.63 11.66
C MET A 349 18.00 -2.75 12.89
N ALA B 2 17.00 -12.39 37.48
CA ALA B 2 18.08 -11.98 36.59
C ALA B 2 17.61 -12.01 35.15
N SER B 3 17.69 -13.19 34.52
CA SER B 3 17.12 -13.34 33.19
C SER B 3 15.61 -13.19 33.26
N LYS B 4 15.02 -12.59 32.21
CA LYS B 4 13.59 -12.32 32.22
C LYS B 4 12.76 -13.57 31.92
N LYS B 5 11.69 -13.74 32.68
CA LYS B 5 10.78 -14.87 32.50
C LYS B 5 9.56 -14.44 31.69
N VAL B 6 9.11 -15.32 30.80
CA VAL B 6 8.06 -15.03 29.82
C VAL B 6 6.89 -15.97 30.08
N CYS B 7 5.68 -15.42 30.00
CA CYS B 7 4.44 -16.19 29.99
C CYS B 7 3.63 -15.82 28.77
N ILE B 8 3.28 -16.82 27.98
CA ILE B 8 2.34 -16.68 26.89
C ILE B 8 0.93 -16.94 27.42
N VAL B 9 0.13 -15.88 27.47
CA VAL B 9 -1.27 -15.96 27.91
C VAL B 9 -2.12 -16.26 26.68
N GLY B 10 -2.40 -17.56 26.47
CA GLY B 10 -3.12 -17.99 25.30
C GLY B 10 -2.41 -19.13 24.60
N SER B 11 -3.17 -19.95 23.90
CA SER B 11 -2.63 -21.21 23.36
C SER B 11 -3.41 -21.73 22.15
N GLY B 12 -4.18 -20.91 21.45
CA GLY B 12 -4.77 -21.36 20.21
C GLY B 12 -3.77 -21.47 19.09
N ASN B 13 -4.28 -21.32 17.88
CA ASN B 13 -3.49 -21.31 16.68
C ASN B 13 -2.40 -20.26 16.81
N TRP B 14 -2.82 -19.07 17.17
CA TRP B 14 -1.92 -17.93 17.26
C TRP B 14 -0.95 -18.09 18.42
N GLY B 15 -1.46 -18.42 19.62
CA GLY B 15 -0.59 -18.54 20.76
C GLY B 15 0.40 -19.66 20.63
N SER B 16 0.00 -20.75 19.98
CA SER B 16 0.93 -21.86 19.77
C SER B 16 1.99 -21.48 18.77
N ALA B 17 1.60 -20.76 17.72
CA ALA B 17 2.59 -20.35 16.72
C ALA B 17 3.62 -19.44 17.35
N ILE B 18 3.16 -18.53 18.22
CA ILE B 18 4.09 -17.64 18.91
C ILE B 18 4.99 -18.41 19.86
N ALA B 19 4.44 -19.44 20.52
CA ALA B 19 5.24 -20.25 21.43
C ALA B 19 6.42 -20.91 20.72
N LYS B 20 6.21 -21.36 19.47
CA LYS B 20 7.31 -21.89 18.67
C LYS B 20 8.46 -20.90 18.55
N ILE B 21 8.14 -19.65 18.20
CA ILE B 21 9.16 -18.62 18.06
C ILE B 21 9.75 -18.26 19.41
N VAL B 22 8.89 -17.96 20.38
CA VAL B 22 9.37 -17.44 21.67
C VAL B 22 10.16 -18.49 22.44
N GLY B 23 9.70 -19.73 22.43
CA GLY B 23 10.46 -20.78 23.10
C GLY B 23 11.89 -20.86 22.58
N GLY B 24 12.06 -20.67 21.27
CA GLY B 24 13.39 -20.80 20.67
C GLY B 24 14.32 -19.68 21.06
N ASN B 25 13.85 -18.44 20.96
CA ASN B 25 14.66 -17.30 21.35
C ASN B 25 14.91 -17.26 22.86
N ALA B 26 13.94 -17.69 23.67
CA ALA B 26 14.11 -17.64 25.11
C ALA B 26 15.20 -18.61 25.58
N ALA B 27 15.28 -19.77 24.94
CA ALA B 27 16.37 -20.73 25.15
C ALA B 27 17.72 -20.17 24.70
N GLN B 28 17.79 -19.61 23.50
CA GLN B 28 19.08 -19.27 22.92
C GLN B 28 19.70 -18.03 23.58
N LEU B 29 18.91 -17.04 23.92
CA LEU B 29 19.46 -15.75 24.32
C LEU B 29 19.62 -15.70 25.84
N ALA B 30 20.84 -15.38 26.27
CA ALA B 30 21.16 -15.34 27.68
C ALA B 30 20.19 -14.45 28.45
N GLN B 31 19.66 -13.41 27.84
CA GLN B 31 18.89 -12.46 28.63
C GLN B 31 17.50 -12.98 29.00
N PHE B 32 17.09 -14.14 28.51
CA PHE B 32 15.79 -14.72 28.85
C PHE B 32 15.96 -16.02 29.60
N ASP B 33 15.07 -16.23 30.54
CA ASP B 33 14.94 -17.53 31.20
C ASP B 33 14.38 -18.54 30.21
N PRO B 34 14.98 -19.73 30.06
CA PRO B 34 14.47 -20.68 29.06
C PRO B 34 13.11 -21.27 29.40
N ARG B 35 12.67 -21.16 30.65
CA ARG B 35 11.39 -21.75 31.06
C ARG B 35 10.29 -20.78 30.68
N VAL B 36 9.60 -21.06 29.57
CA VAL B 36 8.50 -20.23 29.09
C VAL B 36 7.22 -20.93 29.45
N THR B 37 6.37 -20.28 30.23
CA THR B 37 5.08 -20.85 30.53
C THR B 37 4.08 -20.42 29.47
N MET B 38 3.12 -21.28 29.23
CA MET B 38 2.01 -20.97 28.35
C MET B 38 0.72 -21.37 29.03
N TRP B 39 -0.17 -20.40 29.22
CA TRP B 39 -1.46 -20.69 29.82
C TRP B 39 -2.33 -21.38 28.78
N VAL B 40 -2.79 -22.59 29.11
CA VAL B 40 -3.61 -23.43 28.25
C VAL B 40 -4.89 -23.77 29.01
N PHE B 41 -6.02 -23.26 28.53
CA PHE B 41 -7.31 -23.69 29.05
C PHE B 41 -7.44 -25.20 28.92
N GLU B 42 -7.55 -25.89 30.06
CA GLU B 42 -7.48 -27.34 30.06
C GLU B 42 -8.65 -27.90 29.28
N GLU B 43 -8.36 -28.93 28.49
CA GLU B 43 -9.36 -29.62 27.70
C GLU B 43 -9.06 -31.10 27.71
N ASP B 44 -10.12 -31.89 27.62
CA ASP B 44 -9.99 -33.33 27.56
C ASP B 44 -9.90 -33.76 26.10
N ILE B 45 -8.76 -34.33 25.73
CA ILE B 45 -8.50 -34.79 24.37
C ILE B 45 -8.47 -36.31 24.48
N GLY B 46 -9.59 -36.97 24.19
CA GLY B 46 -9.67 -38.41 24.20
C GLY B 46 -9.11 -39.03 25.46
N GLY B 47 -9.57 -38.54 26.60
CA GLY B 47 -9.18 -39.13 27.87
C GLY B 47 -7.91 -38.57 28.46
N LYS B 48 -7.26 -37.63 27.80
CA LYS B 48 -6.02 -37.08 28.34
C LYS B 48 -6.06 -35.56 28.33
N LYS B 49 -5.39 -34.98 29.31
CA LYS B 49 -5.35 -33.54 29.46
C LYS B 49 -4.46 -32.91 28.40
N LEU B 50 -4.99 -31.88 27.74
CA LEU B 50 -4.23 -31.18 26.71
C LEU B 50 -2.89 -30.70 27.27
N THR B 51 -2.88 -30.15 28.48
CA THR B 51 -1.61 -29.66 29.04
C THR B 51 -0.61 -30.80 29.21
N GLU B 52 -1.09 -31.99 29.58
CA GLU B 52 -0.19 -33.14 29.71
C GLU B 52 0.31 -33.62 28.36
N ILE B 53 -0.55 -33.57 27.35
CA ILE B 53 -0.10 -33.88 25.99
C ILE B 53 0.99 -32.90 25.57
N ILE B 54 0.78 -31.61 25.79
CA ILE B 54 1.80 -30.62 25.41
C ILE B 54 3.10 -30.87 26.16
N ASN B 55 3.01 -31.23 27.44
CA ASN B 55 4.25 -31.32 28.21
C ASN B 55 4.94 -32.67 28.04
N THR B 56 4.39 -33.55 27.22
CA THR B 56 5.01 -34.85 26.92
C THR B 56 5.34 -35.01 25.44
N GLN B 57 4.37 -34.68 24.57
CA GLN B 57 4.53 -34.69 23.11
C GLN B 57 5.04 -33.38 22.53
N HIS B 58 4.97 -32.28 23.28
CA HIS B 58 5.39 -30.96 22.80
C HIS B 58 4.68 -30.59 21.49
N GLU B 59 3.37 -30.84 21.49
CA GLU B 59 2.51 -30.54 20.36
C GLU B 59 1.12 -30.19 20.87
N ASN B 60 0.60 -29.00 20.51
CA ASN B 60 -0.80 -28.67 20.79
C ASN B 60 -1.62 -29.41 19.74
N VAL B 61 -2.05 -30.61 20.11
CA VAL B 61 -2.69 -31.51 19.16
C VAL B 61 -4.07 -31.02 18.74
N LYS B 62 -4.66 -30.11 19.50
CA LYS B 62 -5.95 -29.58 19.07
C LYS B 62 -5.85 -28.34 18.20
N TYR B 63 -4.97 -27.39 18.53
CA TYR B 63 -4.99 -26.09 17.86
C TYR B 63 -3.83 -25.85 16.91
N LEU B 64 -2.75 -26.63 17.02
CA LEU B 64 -1.62 -26.53 16.09
C LEU B 64 -1.06 -27.93 15.86
N PRO B 65 -1.88 -28.83 15.33
CA PRO B 65 -1.41 -30.21 15.13
C PRO B 65 -0.31 -30.25 14.09
N GLY B 66 0.58 -31.25 14.21
CA GLY B 66 1.68 -31.43 13.28
C GLY B 66 2.89 -30.54 13.50
N HIS B 67 2.91 -29.69 14.52
CA HIS B 67 4.02 -28.80 14.81
C HIS B 67 4.54 -29.13 16.19
N LYS B 68 5.86 -29.17 16.33
CA LYS B 68 6.47 -29.32 17.64
C LYS B 68 6.79 -27.95 18.22
N LEU B 69 6.49 -27.80 19.48
CA LEU B 69 6.87 -26.65 20.28
C LEU B 69 8.19 -26.93 20.98
N PRO B 70 9.03 -25.91 21.16
CA PRO B 70 10.26 -26.11 21.89
C PRO B 70 9.97 -26.72 23.25
N PRO B 71 10.74 -27.74 23.68
CA PRO B 71 10.36 -28.47 24.91
C PRO B 71 10.49 -27.63 26.16
N ASN B 72 11.12 -26.47 26.07
CA ASN B 72 11.18 -25.59 27.22
C ASN B 72 9.92 -24.77 27.38
N VAL B 73 8.95 -24.88 26.49
CA VAL B 73 7.64 -24.27 26.70
C VAL B 73 6.77 -25.22 27.51
N VAL B 74 6.27 -24.74 28.65
CA VAL B 74 5.53 -25.55 29.61
C VAL B 74 4.09 -25.06 29.63
N ALA B 75 3.17 -25.99 29.40
CA ALA B 75 1.75 -25.67 29.48
C ALA B 75 1.27 -25.70 30.93
N VAL B 76 0.49 -24.68 31.30
CA VAL B 76 0.04 -24.48 32.67
C VAL B 76 -1.45 -24.16 32.63
N PRO B 77 -2.32 -24.96 33.25
CA PRO B 77 -3.77 -24.74 33.07
C PRO B 77 -4.35 -23.61 33.90
N ASP B 78 -3.70 -23.20 34.97
CA ASP B 78 -4.19 -22.12 35.81
C ASP B 78 -3.49 -20.84 35.40
N VAL B 79 -4.25 -19.86 34.92
CA VAL B 79 -3.69 -18.66 34.32
C VAL B 79 -2.87 -17.87 35.35
N VAL B 80 -3.30 -17.86 36.62
CA VAL B 80 -2.52 -17.16 37.64
C VAL B 80 -1.18 -17.86 37.84
N GLN B 81 -1.19 -19.17 37.99
CA GLN B 81 0.08 -19.88 38.14
C GLN B 81 0.98 -19.71 36.93
N ALA B 82 0.39 -19.58 35.75
CA ALA B 82 1.20 -19.41 34.54
C ALA B 82 1.93 -18.07 34.57
N ALA B 83 1.25 -17.04 35.02
CA ALA B 83 1.67 -15.66 34.86
C ALA B 83 2.40 -15.08 36.06
N GLU B 84 2.30 -15.72 37.24
CA GLU B 84 2.58 -14.98 38.48
C GLU B 84 4.05 -14.67 38.69
N ASP B 85 4.95 -15.41 38.09
CA ASP B 85 6.35 -15.08 38.19
C ASP B 85 6.91 -14.48 36.88
N ALA B 86 6.04 -14.16 35.93
CA ALA B 86 6.52 -13.68 34.64
C ALA B 86 6.93 -12.21 34.71
N ASP B 87 8.05 -11.89 34.07
CA ASP B 87 8.46 -10.52 33.82
C ASP B 87 7.84 -9.94 32.56
N ILE B 88 7.54 -10.81 31.59
CA ILE B 88 6.99 -10.40 30.30
C ILE B 88 5.79 -11.29 30.01
N LEU B 89 4.63 -10.68 29.78
CA LEU B 89 3.39 -11.37 29.45
C LEU B 89 2.99 -11.02 28.03
N ILE B 90 2.73 -12.06 27.25
CA ILE B 90 2.33 -11.99 25.85
C ILE B 90 0.86 -12.39 25.81
N PHE B 91 -0.02 -11.44 25.52
CA PHE B 91 -1.46 -11.68 25.49
C PHE B 91 -1.87 -12.07 24.08
N VAL B 92 -2.31 -13.31 23.92
CA VAL B 92 -2.64 -13.85 22.61
C VAL B 92 -3.88 -14.73 22.76
N VAL B 93 -4.98 -14.12 23.18
CA VAL B 93 -6.26 -14.82 23.29
C VAL B 93 -7.25 -14.05 22.44
N PRO B 94 -8.41 -14.61 22.16
CA PRO B 94 -9.42 -13.85 21.44
C PRO B 94 -9.94 -12.67 22.25
N HIS B 95 -10.22 -11.59 21.51
CA HIS B 95 -10.80 -10.36 22.03
C HIS B 95 -11.89 -10.67 23.04
N GLN B 96 -12.76 -11.64 22.70
CA GLN B 96 -13.91 -12.02 23.54
C GLN B 96 -13.52 -12.30 24.98
N PHE B 97 -12.30 -12.81 25.21
CA PHE B 97 -11.95 -13.40 26.50
C PHE B 97 -10.98 -12.58 27.32
N ILE B 98 -10.38 -11.54 26.74
CA ILE B 98 -9.29 -10.87 27.42
C ILE B 98 -9.79 -10.18 28.69
N GLY B 99 -11.01 -9.65 28.66
CA GLY B 99 -11.58 -9.03 29.85
C GLY B 99 -11.68 -9.99 31.03
N LYS B 100 -12.22 -11.19 30.78
CA LYS B 100 -12.36 -12.18 31.85
C LYS B 100 -11.01 -12.64 32.36
N ILE B 101 -10.06 -12.83 31.46
CA ILE B 101 -8.71 -13.25 31.85
C ILE B 101 -8.05 -12.19 32.71
N CYS B 102 -8.20 -10.92 32.34
CA CYS B 102 -7.60 -9.86 33.14
C CYS B 102 -8.23 -9.80 34.53
N ASP B 103 -9.54 -10.04 34.61
CA ASP B 103 -10.21 -10.01 35.91
C ASP B 103 -9.72 -11.10 36.82
N GLN B 104 -9.25 -12.22 36.27
CA GLN B 104 -8.61 -13.26 37.08
C GLN B 104 -7.16 -12.93 37.43
N LEU B 105 -6.44 -12.23 36.55
CA LEU B 105 -5.02 -11.98 36.80
C LEU B 105 -4.79 -10.77 37.69
N LYS B 106 -5.72 -9.83 37.69
CA LYS B 106 -5.58 -8.58 38.42
C LYS B 106 -5.09 -8.84 39.82
N GLY B 107 -3.95 -8.24 40.17
CA GLY B 107 -3.41 -8.27 41.49
C GLY B 107 -2.44 -9.39 41.75
N HIS B 108 -2.32 -10.34 40.83
CA HIS B 108 -1.49 -11.51 41.05
C HIS B 108 -0.20 -11.45 40.28
N LEU B 109 0.12 -10.33 39.66
CA LEU B 109 1.30 -10.29 38.81
C LEU B 109 2.52 -9.81 39.57
N LYS B 110 3.68 -10.09 39.00
CA LYS B 110 4.93 -9.67 39.57
C LYS B 110 5.08 -8.16 39.44
N ALA B 111 5.70 -7.54 40.44
CA ALA B 111 6.01 -6.13 40.33
C ALA B 111 6.94 -5.91 39.13
N ASN B 112 6.78 -4.79 38.47
CA ASN B 112 7.61 -4.44 37.32
C ASN B 112 7.36 -5.32 36.11
N ALA B 113 6.34 -6.18 36.15
CA ALA B 113 5.98 -6.98 34.98
C ALA B 113 5.51 -6.06 33.85
N THR B 114 5.74 -6.49 32.61
CA THR B 114 5.36 -5.75 31.43
C THR B 114 4.60 -6.69 30.49
N GLY B 115 3.84 -6.11 29.57
CA GLY B 115 3.01 -6.88 28.67
C GLY B 115 3.15 -6.44 27.23
N ILE B 116 2.78 -7.36 26.33
CA ILE B 116 2.61 -7.03 24.93
C ILE B 116 1.35 -7.71 24.43
N SER B 117 0.50 -6.96 23.74
CA SER B 117 -0.74 -7.48 23.22
C SER B 117 -0.60 -7.82 21.73
N LEU B 118 -0.97 -9.05 21.38
CA LEU B 118 -1.07 -9.51 20.00
C LEU B 118 -2.51 -9.61 19.54
N ILE B 119 -3.44 -9.04 20.31
CA ILE B 119 -4.86 -9.12 20.02
C ILE B 119 -5.22 -7.97 19.07
N LYS B 120 -5.56 -8.29 17.83
CA LYS B 120 -5.87 -7.26 16.84
C LYS B 120 -7.37 -6.99 16.84
N GLY B 121 -7.72 -5.70 16.78
CA GLY B 121 -9.11 -5.29 16.93
C GLY B 121 -9.29 -4.33 18.09
N VAL B 122 -10.55 -4.05 18.43
CA VAL B 122 -10.84 -3.09 19.50
C VAL B 122 -12.04 -3.46 20.36
N LEU B 129 -14.43 4.13 21.26
CA LEU B 129 -13.47 3.03 21.09
C LEU B 129 -12.50 3.02 22.26
N LYS B 130 -12.10 1.82 22.67
CA LYS B 130 -11.02 1.62 23.62
C LYS B 130 -10.08 0.57 23.04
N LEU B 131 -8.79 0.91 22.97
CA LEU B 131 -7.77 -0.04 22.53
C LEU B 131 -7.71 -1.20 23.52
N ILE B 132 -7.54 -2.42 23.00
CA ILE B 132 -7.46 -3.58 23.90
C ILE B 132 -6.26 -3.46 24.82
N SER B 133 -5.13 -2.95 24.31
CA SER B 133 -3.94 -2.92 25.14
C SER B 133 -4.15 -1.99 26.34
N GLU B 134 -5.03 -0.98 26.18
CA GLU B 134 -5.35 -0.09 27.28
C GLU B 134 -6.21 -0.78 28.32
N VAL B 135 -7.19 -1.57 27.88
CA VAL B 135 -8.00 -2.36 28.80
C VAL B 135 -7.09 -3.26 29.63
N ILE B 136 -6.15 -3.94 28.98
CA ILE B 136 -5.24 -4.83 29.68
C ILE B 136 -4.41 -4.04 30.70
N GLY B 137 -3.73 -2.99 30.23
CA GLY B 137 -2.83 -2.26 31.09
C GLY B 137 -3.54 -1.61 32.26
N GLU B 138 -4.76 -1.12 32.06
CA GLU B 138 -5.51 -0.47 33.14
C GLU B 138 -5.90 -1.46 34.22
N ARG B 139 -6.48 -2.61 33.82
CA ARG B 139 -6.91 -3.60 34.79
C ARG B 139 -5.72 -4.25 35.48
N LEU B 140 -4.61 -4.47 34.77
CA LEU B 140 -3.52 -5.22 35.35
C LEU B 140 -2.41 -4.34 35.95
N GLY B 141 -2.39 -3.05 35.63
CA GLY B 141 -1.34 -2.14 36.09
C GLY B 141 0.04 -2.41 35.53
N ILE B 142 0.16 -2.76 34.26
CA ILE B 142 1.47 -3.05 33.70
C ILE B 142 1.64 -2.20 32.44
N PRO B 143 2.87 -1.78 32.13
CA PRO B 143 3.14 -1.09 30.86
C PRO B 143 2.88 -2.01 29.66
N MET B 144 2.23 -1.49 28.63
CA MET B 144 1.80 -2.32 27.50
C MET B 144 2.43 -1.91 26.19
N SER B 145 2.85 -2.92 25.43
CA SER B 145 3.25 -2.82 24.04
C SER B 145 2.22 -3.58 23.18
N VAL B 146 2.37 -3.44 21.87
CA VAL B 146 1.51 -4.14 20.93
C VAL B 146 2.35 -4.71 19.81
N LEU B 147 1.83 -5.77 19.21
CA LEU B 147 2.45 -6.41 18.06
C LEU B 147 1.37 -6.59 17.01
N MET B 148 1.56 -5.94 15.88
CA MET B 148 0.55 -5.92 14.80
C MET B 148 1.21 -5.84 13.46
N GLY B 149 0.74 -6.64 12.51
CA GLY B 149 1.23 -6.48 11.16
C GLY B 149 0.50 -7.39 10.18
N ALA B 150 0.98 -7.40 8.94
CA ALA B 150 0.43 -8.28 7.91
C ALA B 150 0.95 -9.68 8.16
N ASN B 151 0.24 -10.43 9.00
CA ASN B 151 0.65 -11.79 9.29
C ASN B 151 -0.55 -12.59 9.81
N ILE B 152 -0.45 -13.91 9.72
CA ILE B 152 -1.48 -14.79 10.27
C ILE B 152 -0.81 -15.99 10.90
N ALA B 153 -1.52 -16.59 11.86
CA ALA B 153 -0.94 -17.60 12.75
C ALA B 153 -0.38 -18.78 11.97
N SER B 154 -1.15 -19.29 11.02
CA SER B 154 -0.73 -20.51 10.34
C SER B 154 0.55 -20.28 9.54
N GLU B 155 0.69 -19.09 8.94
CA GLU B 155 1.91 -18.79 8.19
C GLU B 155 3.09 -18.60 9.13
N VAL B 156 2.88 -17.97 10.28
CA VAL B 156 3.98 -17.88 11.24
C VAL B 156 4.40 -19.27 11.72
N ALA B 157 3.43 -20.17 11.96
CA ALA B 157 3.78 -21.54 12.36
C ALA B 157 4.58 -22.23 11.27
N ASP B 158 4.21 -22.01 10.01
CA ASP B 158 4.87 -22.61 8.86
C ASP B 158 6.13 -21.87 8.45
N GLU B 159 6.54 -20.83 9.18
CA GLU B 159 7.79 -20.11 8.88
C GLU B 159 7.78 -19.51 7.48
N LYS B 160 6.59 -19.12 7.01
CA LYS B 160 6.48 -18.35 5.80
C LYS B 160 6.84 -16.88 6.06
N PHE B 161 7.65 -16.32 5.17
CA PHE B 161 8.22 -15.00 5.40
C PHE B 161 7.15 -13.92 5.52
N CYS B 162 7.23 -13.14 6.60
CA CYS B 162 6.33 -12.01 6.80
C CYS B 162 6.95 -11.06 7.81
N GLU B 163 6.31 -9.92 7.99
CA GLU B 163 6.79 -8.89 8.90
C GLU B 163 5.76 -8.62 9.97
N THR B 164 6.20 -7.89 11.01
CA THR B 164 5.27 -7.30 11.95
C THR B 164 5.88 -6.02 12.55
N THR B 165 5.03 -5.19 13.12
CA THR B 165 5.43 -4.01 13.86
C THR B 165 5.23 -4.24 15.35
N ILE B 166 6.17 -3.77 16.15
CA ILE B 166 6.00 -3.74 17.60
C ILE B 166 5.92 -2.28 17.97
N GLY B 167 4.84 -1.88 18.63
CA GLY B 167 4.74 -0.56 19.21
C GLY B 167 5.11 -0.64 20.68
N CYS B 168 6.18 0.06 21.06
CA CYS B 168 6.62 0.02 22.44
C CYS B 168 7.26 1.36 22.76
N LYS B 169 6.78 2.01 23.84
CA LYS B 169 7.26 3.34 24.19
C LYS B 169 8.71 3.32 24.68
N ASP B 170 9.08 2.33 25.49
CA ASP B 170 10.41 2.30 26.11
C ASP B 170 11.43 1.66 25.16
N PRO B 171 12.52 2.34 24.80
CA PRO B 171 13.45 1.74 23.82
C PRO B 171 14.05 0.42 24.25
N ALA B 172 14.48 0.32 25.52
CA ALA B 172 15.13 -0.90 25.95
C ALA B 172 14.14 -2.06 25.97
N GLN B 173 12.92 -1.80 26.42
CA GLN B 173 11.88 -2.84 26.41
C GLN B 173 11.51 -3.23 24.99
N GLY B 174 11.47 -2.27 24.06
CA GLY B 174 11.25 -2.61 22.66
C GLY B 174 12.32 -3.55 22.11
N GLN B 175 13.57 -3.27 22.43
CA GLN B 175 14.65 -4.13 21.93
C GLN B 175 14.53 -5.55 22.48
N LEU B 176 14.18 -5.67 23.75
CA LEU B 176 13.98 -6.99 24.35
C LEU B 176 12.84 -7.74 23.67
N LEU B 177 11.72 -7.07 23.41
CA LEU B 177 10.62 -7.74 22.72
C LEU B 177 11.03 -8.15 21.30
N LYS B 178 11.79 -7.30 20.60
CA LYS B 178 12.25 -7.68 19.27
C LYS B 178 13.10 -8.94 19.35
N GLU B 179 14.02 -8.96 20.30
CA GLU B 179 14.89 -10.12 20.49
C GLU B 179 14.09 -11.37 20.81
N LEU B 180 13.00 -11.23 21.57
CA LEU B 180 12.18 -12.38 21.95
C LEU B 180 11.40 -12.95 20.76
N MET B 181 11.02 -12.09 19.80
CA MET B 181 10.05 -12.46 18.76
C MET B 181 10.62 -12.62 17.36
N GLN B 182 11.82 -12.13 17.09
CA GLN B 182 12.26 -12.03 15.71
C GLN B 182 12.99 -13.32 15.28
N THR B 183 12.73 -13.74 14.06
CA THR B 183 13.43 -14.84 13.40
C THR B 183 13.66 -14.48 11.94
N PRO B 184 14.36 -15.31 11.17
CA PRO B 184 14.59 -14.95 9.76
C PRO B 184 13.32 -14.86 8.95
N ASN B 185 12.23 -15.48 9.39
CA ASN B 185 10.98 -15.38 8.65
C ASN B 185 9.90 -14.57 9.36
N PHE B 186 10.22 -13.93 10.48
CA PHE B 186 9.27 -13.09 11.20
C PHE B 186 10.06 -11.84 11.61
N ARG B 187 10.04 -10.86 10.73
CA ARG B 187 10.89 -9.69 10.81
C ARG B 187 10.15 -8.57 11.53
N ILE B 188 10.82 -7.92 12.48
CA ILE B 188 10.17 -6.97 13.38
C ILE B 188 10.75 -5.57 13.16
N THR B 189 9.87 -4.58 13.06
CA THR B 189 10.29 -3.19 13.22
C THR B 189 9.66 -2.66 14.50
N VAL B 190 10.49 -2.09 15.38
CA VAL B 190 10.01 -1.45 16.62
C VAL B 190 9.81 0.03 16.36
N VAL B 191 8.65 0.54 16.76
CA VAL B 191 8.36 1.97 16.77
C VAL B 191 7.79 2.32 18.14
N GLN B 192 7.87 3.62 18.47
CA GLN B 192 7.49 4.04 19.80
C GLN B 192 6.02 4.44 19.92
N GLU B 193 5.29 4.58 18.81
CA GLU B 193 3.89 5.02 18.85
C GLU B 193 2.94 3.83 18.99
N VAL B 194 2.83 3.35 20.23
CA VAL B 194 1.93 2.25 20.58
C VAL B 194 0.51 2.47 20.05
N ASP B 195 -0.13 3.59 20.43
CA ASP B 195 -1.53 3.78 20.04
C ASP B 195 -1.70 3.78 18.53
N THR B 196 -0.76 4.41 17.81
CA THR B 196 -0.90 4.47 16.38
C THR B 196 -0.81 3.07 15.76
N VAL B 197 0.12 2.24 16.24
CA VAL B 197 0.22 0.88 15.71
C VAL B 197 -1.08 0.13 15.94
N GLU B 198 -1.64 0.23 17.15
CA GLU B 198 -2.78 -0.58 17.53
C GLU B 198 -4.06 -0.13 16.83
N ILE B 199 -4.24 1.17 16.63
CA ILE B 199 -5.49 1.63 16.04
C ILE B 199 -5.55 1.20 14.56
N CYS B 200 -4.39 0.99 13.92
CA CYS B 200 -4.38 0.53 12.53
C CYS B 200 -5.16 -0.77 12.34
N GLY B 201 -5.01 -1.72 13.28
CA GLY B 201 -5.68 -3.01 13.17
C GLY B 201 -7.19 -2.93 13.16
N ALA B 202 -7.76 -1.95 13.84
CA ALA B 202 -9.21 -1.79 13.82
C ALA B 202 -9.66 -1.01 12.60
N LEU B 203 -8.98 0.08 12.27
CA LEU B 203 -9.51 0.92 11.20
C LEU B 203 -9.41 0.24 9.84
N LYS B 204 -8.42 -0.64 9.66
CA LYS B 204 -8.19 -1.25 8.36
C LYS B 204 -9.38 -2.06 7.90
N ASN B 205 -10.12 -2.66 8.85
CA ASN B 205 -11.29 -3.45 8.50
C ASN B 205 -12.42 -2.60 7.98
N VAL B 206 -12.51 -1.34 8.40
CA VAL B 206 -13.49 -0.43 7.81
C VAL B 206 -13.17 -0.17 6.35
N VAL B 207 -11.91 0.16 6.07
CA VAL B 207 -11.48 0.36 4.69
C VAL B 207 -11.72 -0.91 3.88
N ALA B 208 -11.47 -2.08 4.49
CA ALA B 208 -11.63 -3.31 3.74
C ALA B 208 -13.07 -3.56 3.32
N VAL B 209 -14.04 -3.20 4.17
CA VAL B 209 -15.43 -3.25 3.74
C VAL B 209 -15.64 -2.38 2.50
N GLY B 210 -15.09 -1.17 2.50
CA GLY B 210 -15.21 -0.34 1.32
C GLY B 210 -14.55 -0.93 0.10
N ALA B 211 -13.38 -1.53 0.29
CA ALA B 211 -12.73 -2.19 -0.83
C ALA B 211 -13.58 -3.31 -1.37
N GLY B 212 -14.23 -4.06 -0.48
CA GLY B 212 -15.11 -5.11 -0.96
C GLY B 212 -16.33 -4.56 -1.67
N PHE B 213 -16.90 -3.47 -1.17
CA PHE B 213 -17.95 -2.81 -1.94
C PHE B 213 -17.48 -2.51 -3.35
N CYS B 214 -16.30 -1.90 -3.46
CA CYS B 214 -15.75 -1.54 -4.76
C CYS B 214 -15.64 -2.78 -5.66
N ASP B 215 -15.12 -3.90 -5.13
CA ASP B 215 -15.06 -5.12 -5.94
C ASP B 215 -16.45 -5.53 -6.39
N GLY B 216 -17.40 -5.56 -5.46
CA GLY B 216 -18.73 -6.04 -5.78
C GLY B 216 -19.50 -5.15 -6.73
N LEU B 217 -19.16 -3.87 -6.79
CA LEU B 217 -19.79 -2.98 -7.74
C LEU B 217 -19.19 -3.09 -9.13
N GLY B 218 -18.21 -3.98 -9.32
CA GLY B 218 -17.60 -4.19 -10.61
C GLY B 218 -16.45 -3.28 -10.96
N PHE B 219 -15.89 -2.55 -9.99
CA PHE B 219 -14.80 -1.64 -10.31
C PHE B 219 -13.46 -2.37 -10.35
N GLY B 220 -12.50 -1.76 -11.05
CA GLY B 220 -11.20 -2.36 -11.22
C GLY B 220 -10.19 -1.93 -10.18
N ASP B 221 -8.94 -2.36 -10.40
CA ASP B 221 -7.86 -2.21 -9.41
C ASP B 221 -7.45 -0.76 -9.19
N ASN B 222 -7.60 0.13 -10.20
CA ASN B 222 -7.20 1.52 -9.98
C ASN B 222 -8.21 2.23 -9.10
N THR B 223 -9.51 1.90 -9.27
CA THR B 223 -10.53 2.42 -8.36
C THR B 223 -10.34 1.85 -6.96
N LYS B 224 -10.04 0.55 -6.89
CA LYS B 224 -9.79 -0.07 -5.60
C LYS B 224 -8.57 0.54 -4.94
N ALA B 225 -7.53 0.87 -5.70
CA ALA B 225 -6.33 1.48 -5.12
C ALA B 225 -6.64 2.86 -4.52
N ALA B 226 -7.54 3.62 -5.16
CA ALA B 226 -8.02 4.90 -4.62
C ALA B 226 -8.81 4.70 -3.33
N VAL B 227 -9.69 3.69 -3.29
CA VAL B 227 -10.46 3.41 -2.07
C VAL B 227 -9.51 3.08 -0.91
N ILE B 228 -8.53 2.22 -1.16
CA ILE B 228 -7.58 1.86 -0.12
C ILE B 228 -6.80 3.08 0.32
N ARG B 229 -6.32 3.87 -0.62
CA ARG B 229 -5.47 5.01 -0.25
C ARG B 229 -6.25 6.08 0.51
N LEU B 230 -7.44 6.43 0.02
CA LEU B 230 -8.28 7.36 0.78
C LEU B 230 -8.63 6.80 2.13
N GLY B 231 -8.90 5.50 2.20
CA GLY B 231 -9.06 4.86 3.48
C GLY B 231 -7.86 5.07 4.37
N LEU B 232 -6.65 4.94 3.81
CA LEU B 232 -5.44 5.14 4.61
C LEU B 232 -5.35 6.59 5.07
N MET B 233 -5.74 7.52 4.21
CA MET B 233 -5.71 8.93 4.60
C MET B 233 -6.69 9.20 5.73
N GLU B 234 -7.84 8.53 5.72
CA GLU B 234 -8.78 8.70 6.82
C GLU B 234 -8.26 8.01 8.08
N MET B 235 -7.59 6.85 7.94
CA MET B 235 -6.97 6.25 9.12
C MET B 235 -6.02 7.22 9.79
N ILE B 236 -5.18 7.90 9.00
CA ILE B 236 -4.19 8.82 9.53
C ILE B 236 -4.86 9.99 10.22
N ALA B 237 -5.81 10.61 9.53
CA ALA B 237 -6.49 11.76 10.12
C ALA B 237 -7.20 11.36 11.39
N PHE B 238 -7.86 10.19 11.40
CA PHE B 238 -8.58 9.78 12.60
C PHE B 238 -7.61 9.50 13.74
N ALA B 239 -6.51 8.81 13.46
CA ALA B 239 -5.54 8.52 14.51
C ALA B 239 -5.04 9.81 15.14
N LYS B 240 -4.77 10.83 14.34
CA LYS B 240 -4.29 12.10 14.88
C LYS B 240 -5.31 12.77 15.80
N LEU B 241 -6.59 12.68 15.50
CA LEU B 241 -7.55 13.34 16.38
C LEU B 241 -7.93 12.48 17.57
N PHE B 242 -7.81 11.16 17.47
CA PHE B 242 -8.24 10.26 18.53
C PHE B 242 -7.11 9.83 19.46
N CYS B 243 -5.92 9.59 18.94
CA CYS B 243 -4.87 8.98 19.75
C CYS B 243 -4.17 10.00 20.63
N SER B 244 -3.93 9.60 21.87
CA SER B 244 -2.92 10.24 22.69
C SER B 244 -1.54 9.82 22.19
N GLY B 245 -0.53 10.61 22.53
CA GLY B 245 0.81 10.31 22.09
C GLY B 245 1.02 10.88 20.70
N PRO B 246 2.25 10.86 20.22
CA PRO B 246 2.52 11.40 18.89
C PRO B 246 1.98 10.46 17.82
N VAL B 247 1.44 11.04 16.76
CA VAL B 247 0.86 10.29 15.65
C VAL B 247 1.46 10.85 14.38
N SER B 248 2.34 10.08 13.76
CA SER B 248 3.04 10.52 12.57
C SER B 248 2.63 9.66 11.39
N SER B 249 2.47 10.31 10.23
CA SER B 249 2.08 9.56 9.04
C SER B 249 3.09 8.46 8.75
N ALA B 250 4.35 8.65 9.16
CA ALA B 250 5.41 7.66 8.92
C ALA B 250 5.11 6.31 9.57
N THR B 251 4.44 6.28 10.72
CA THR B 251 4.13 4.98 11.32
C THR B 251 3.24 4.15 10.41
N PHE B 252 2.43 4.79 9.57
CA PHE B 252 1.50 4.08 8.70
C PHE B 252 2.18 3.42 7.51
N LEU B 253 3.46 3.70 7.30
CA LEU B 253 4.27 2.96 6.33
C LEU B 253 4.75 1.62 6.86
N GLU B 254 4.57 1.35 8.15
CA GLU B 254 5.00 0.10 8.76
C GLU B 254 4.00 -1.02 8.42
N SER B 255 4.38 -2.25 8.79
CA SER B 255 3.56 -3.41 8.44
C SER B 255 2.14 -3.29 9.00
N CYS B 256 2.02 -2.76 10.22
CA CYS B 256 0.72 -2.53 10.84
C CYS B 256 -0.17 -1.64 10.01
N GLY B 257 0.41 -0.80 9.13
CA GLY B 257 -0.38 0.16 8.38
C GLY B 257 -0.61 -0.30 6.96
N VAL B 258 0.23 0.19 6.06
CA VAL B 258 0.00 -0.06 4.64
C VAL B 258 -0.01 -1.56 4.31
N ALA B 259 0.88 -2.37 4.91
CA ALA B 259 0.93 -3.77 4.48
C ALA B 259 -0.30 -4.53 4.91
N ASP B 260 -0.70 -4.38 6.16
CA ASP B 260 -1.88 -5.08 6.68
C ASP B 260 -3.13 -4.58 5.96
N LEU B 261 -3.13 -3.28 5.62
CA LEU B 261 -4.26 -2.74 4.88
C LEU B 261 -4.36 -3.39 3.50
N ILE B 262 -3.23 -3.53 2.81
CA ILE B 262 -3.23 -4.16 1.48
C ILE B 262 -3.73 -5.59 1.58
N THR B 263 -3.13 -6.39 2.46
CA THR B 263 -3.50 -7.80 2.51
C THR B 263 -4.95 -7.99 2.93
N THR B 264 -5.43 -7.14 3.84
CA THR B 264 -6.81 -7.25 4.28
C THR B 264 -7.76 -6.82 3.16
N CYS B 265 -7.41 -5.80 2.39
CA CYS B 265 -8.29 -5.36 1.31
C CYS B 265 -8.22 -6.28 0.10
N TYR B 266 -7.23 -7.15 -0.01
CA TYR B 266 -7.17 -8.10 -1.11
C TYR B 266 -7.56 -9.51 -0.68
N GLY B 267 -7.64 -9.79 0.61
CA GLY B 267 -8.08 -11.09 1.06
C GLY B 267 -8.41 -11.07 2.54
N GLY B 268 -9.65 -11.31 2.88
CA GLY B 268 -10.08 -11.30 4.25
C GLY B 268 -11.59 -11.26 4.32
N ARG B 269 -12.11 -11.61 5.48
CA ARG B 269 -13.54 -11.79 5.55
C ARG B 269 -14.28 -10.46 5.47
N ASN B 270 -13.70 -9.38 5.99
CA ASN B 270 -14.36 -8.09 5.81
C ASN B 270 -14.54 -7.79 4.31
N ARG B 271 -13.48 -7.96 3.50
CA ARG B 271 -13.63 -7.74 2.05
C ARG B 271 -14.60 -8.75 1.44
N LYS B 272 -14.53 -10.02 1.85
CA LYS B 272 -15.40 -11.00 1.21
C LYS B 272 -16.86 -10.78 1.60
N VAL B 273 -17.15 -10.49 2.86
CA VAL B 273 -18.54 -10.23 3.21
C VAL B 273 -19.04 -9.00 2.49
N ALA B 274 -18.18 -7.96 2.38
CA ALA B 274 -18.57 -6.73 1.71
C ALA B 274 -18.85 -6.94 0.22
N GLU B 275 -18.02 -7.74 -0.47
CA GLU B 275 -18.29 -8.01 -1.88
C GLU B 275 -19.65 -8.69 -2.04
N ALA B 276 -19.95 -9.69 -1.18
CA ALA B 276 -21.22 -10.40 -1.27
C ALA B 276 -22.42 -9.50 -0.92
N PHE B 277 -22.26 -8.61 0.06
CA PHE B 277 -23.30 -7.62 0.37
C PHE B 277 -23.61 -6.78 -0.86
N ALA B 278 -22.58 -6.31 -1.57
CA ALA B 278 -22.79 -5.46 -2.74
C ALA B 278 -23.30 -6.24 -3.93
N ARG B 279 -23.08 -7.55 -3.95
CA ARG B 279 -23.52 -8.35 -5.09
C ARG B 279 -24.81 -9.12 -4.84
N THR B 280 -25.08 -9.54 -3.60
CA THR B 280 -26.22 -10.42 -3.36
C THR B 280 -27.45 -9.69 -2.85
N GLY B 281 -27.28 -8.64 -2.06
CA GLY B 281 -28.38 -7.99 -1.38
C GLY B 281 -28.57 -8.41 0.06
N LYS B 282 -27.84 -9.42 0.53
CA LYS B 282 -27.99 -9.91 1.89
C LYS B 282 -27.46 -8.90 2.91
N SER B 283 -28.10 -8.86 4.07
CA SER B 283 -27.63 -7.98 5.13
C SER B 283 -26.29 -8.47 5.68
N ILE B 284 -25.61 -7.58 6.40
CA ILE B 284 -24.41 -7.99 7.13
C ILE B 284 -24.74 -9.18 8.03
N GLU B 285 -25.77 -9.03 8.87
CA GLU B 285 -26.12 -10.07 9.83
C GLU B 285 -26.34 -11.41 9.14
N GLN B 286 -27.13 -11.42 8.06
CA GLN B 286 -27.35 -12.65 7.32
C GLN B 286 -26.03 -13.23 6.84
N LEU B 287 -25.12 -12.37 6.40
CA LEU B 287 -23.84 -12.86 5.90
C LEU B 287 -22.93 -13.32 7.02
N GLU B 288 -23.01 -12.71 8.21
CA GLU B 288 -22.30 -13.24 9.37
C GLU B 288 -22.78 -14.66 9.69
N LYS B 289 -24.10 -14.90 9.58
CA LYS B 289 -24.64 -16.24 9.78
C LYS B 289 -24.10 -17.23 8.74
N GLU B 290 -24.13 -16.87 7.45
CA GLU B 290 -23.83 -17.86 6.43
C GLU B 290 -22.35 -18.21 6.37
N LEU B 291 -21.46 -17.26 6.65
CA LEU B 291 -20.03 -17.45 6.41
C LEU B 291 -19.17 -17.40 7.67
N LEU B 292 -19.69 -16.89 8.80
CA LEU B 292 -18.90 -16.68 10.01
C LEU B 292 -19.55 -17.30 11.24
N ASN B 293 -20.41 -18.31 11.06
CA ASN B 293 -21.14 -18.94 12.17
C ASN B 293 -21.61 -17.91 13.21
N LYS B 296 -19.81 -11.82 14.58
CA LYS B 296 -19.93 -10.40 14.31
C LYS B 296 -18.72 -9.93 13.52
N LEU B 297 -18.99 -9.26 12.39
CA LEU B 297 -17.95 -8.65 11.57
C LEU B 297 -17.50 -7.35 12.22
N GLN B 298 -16.17 -7.19 12.36
CA GLN B 298 -15.63 -6.06 13.11
C GLN B 298 -15.60 -4.77 12.33
N GLY B 299 -15.46 -4.80 11.00
CA GLY B 299 -15.41 -3.58 10.21
C GLY B 299 -16.63 -2.67 10.37
N PRO B 300 -17.83 -3.22 10.18
CA PRO B 300 -19.03 -2.38 10.34
C PRO B 300 -19.23 -1.87 11.75
N GLU B 301 -18.93 -2.68 12.77
CA GLU B 301 -19.11 -2.24 14.14
C GLU B 301 -18.16 -1.10 14.45
N THR B 302 -16.93 -1.20 13.95
CA THR B 302 -15.98 -0.11 14.15
C THR B 302 -16.46 1.15 13.46
N ALA B 303 -17.02 1.02 12.25
CA ALA B 303 -17.52 2.20 11.56
C ALA B 303 -18.59 2.88 12.40
N ARG B 304 -19.47 2.08 13.00
CA ARG B 304 -20.55 2.60 13.87
C ARG B 304 -19.92 3.43 14.99
N GLU B 305 -18.93 2.90 15.68
CA GLU B 305 -18.28 3.64 16.76
C GLU B 305 -17.61 4.90 16.25
N LEU B 306 -17.03 4.84 15.05
CA LEU B 306 -16.43 6.04 14.47
C LEU B 306 -17.48 7.11 14.21
N TYR B 307 -18.65 6.71 13.70
CA TYR B 307 -19.72 7.67 13.50
C TYR B 307 -20.01 8.41 14.78
N SER B 308 -20.10 7.66 15.89
CA SER B 308 -20.45 8.24 17.18
C SER B 308 -19.40 9.24 17.66
N ILE B 309 -18.12 8.90 17.51
CA ILE B 309 -17.05 9.82 17.89
C ILE B 309 -17.05 11.04 16.99
N LEU B 310 -17.20 10.83 15.69
CA LEU B 310 -17.11 11.96 14.78
C LEU B 310 -18.27 12.92 14.98
N GLN B 311 -19.45 12.42 15.32
CA GLN B 311 -20.54 13.34 15.65
C GLN B 311 -20.15 14.23 16.83
N HIS B 312 -19.66 13.62 17.90
CA HIS B 312 -19.25 14.39 19.07
C HIS B 312 -18.28 15.49 18.70
N LYS B 313 -17.28 15.16 17.90
CA LYS B 313 -16.29 16.14 17.47
C LYS B 313 -16.79 17.06 16.36
N GLY B 314 -17.97 16.81 15.79
CA GLY B 314 -18.47 17.62 14.68
C GLY B 314 -17.71 17.46 13.39
N LEU B 315 -17.15 16.27 13.16
CA LEU B 315 -16.26 16.02 12.03
C LEU B 315 -16.78 14.93 11.10
N VAL B 316 -18.07 14.58 11.18
CA VAL B 316 -18.60 13.55 10.29
C VAL B 316 -18.16 13.80 8.85
N ASP B 317 -18.27 15.04 8.39
CA ASP B 317 -18.08 15.31 6.97
C ASP B 317 -16.60 15.26 6.58
N LYS B 318 -15.70 15.07 7.51
CA LYS B 318 -14.29 14.94 7.19
C LYS B 318 -13.91 13.52 6.82
N PHE B 319 -14.78 12.54 7.08
CA PHE B 319 -14.47 11.12 6.90
C PHE B 319 -15.53 10.42 6.04
N PRO B 320 -15.64 10.79 4.76
CA PRO B 320 -16.74 10.21 3.96
C PRO B 320 -16.59 8.73 3.67
N LEU B 321 -15.38 8.20 3.59
CA LEU B 321 -15.25 6.76 3.35
C LEU B 321 -15.72 5.97 4.58
N PHE B 322 -15.18 6.30 5.76
CA PHE B 322 -15.67 5.68 7.00
C PHE B 322 -17.18 5.84 7.14
N MET B 323 -17.69 7.04 6.87
CA MET B 323 -19.11 7.26 7.11
C MET B 323 -19.98 6.55 6.08
N ALA B 324 -19.52 6.44 4.83
CA ALA B 324 -20.26 5.67 3.84
C ALA B 324 -20.32 4.21 4.20
N VAL B 325 -19.25 3.68 4.82
CA VAL B 325 -19.32 2.30 5.27
C VAL B 325 -20.36 2.16 6.38
N TYR B 326 -20.37 3.10 7.32
CA TYR B 326 -21.39 3.07 8.36
C TYR B 326 -22.78 3.22 7.75
N LYS B 327 -23.01 4.25 6.95
CA LYS B 327 -24.36 4.47 6.41
C LYS B 327 -24.84 3.27 5.60
N VAL B 328 -23.96 2.69 4.80
CA VAL B 328 -24.40 1.57 3.97
C VAL B 328 -24.74 0.37 4.84
N CYS B 329 -23.97 0.12 5.91
CA CYS B 329 -24.18 -1.06 6.74
C CYS B 329 -25.34 -0.92 7.73
N TYR B 330 -25.72 0.31 8.10
CA TYR B 330 -26.66 0.49 9.21
C TYR B 330 -27.88 1.33 8.87
N GLU B 331 -27.75 2.30 7.98
CA GLU B 331 -28.81 3.27 7.74
C GLU B 331 -29.40 3.12 6.35
N GLY B 332 -29.17 2.01 5.69
CA GLY B 332 -29.79 1.74 4.41
C GLY B 332 -29.33 2.57 3.24
N GLN B 333 -28.22 3.29 3.35
CA GLN B 333 -27.72 3.97 2.16
C GLN B 333 -27.42 2.91 1.10
N PRO B 334 -27.85 3.11 -0.15
CA PRO B 334 -27.61 2.10 -1.19
C PRO B 334 -26.11 1.93 -1.43
N VAL B 335 -25.66 0.67 -1.38
CA VAL B 335 -24.23 0.40 -1.57
C VAL B 335 -23.79 1.03 -2.86
N GLY B 336 -24.70 1.11 -3.83
CA GLY B 336 -24.35 1.64 -5.14
C GLY B 336 -23.93 3.09 -5.11
N GLU B 337 -24.15 3.79 -3.99
CA GLU B 337 -23.69 5.17 -3.80
C GLU B 337 -22.28 5.28 -3.18
N PHE B 338 -21.58 4.16 -2.96
CA PHE B 338 -20.34 4.21 -2.18
C PHE B 338 -19.26 5.04 -2.89
N ILE B 339 -19.13 4.89 -4.21
CA ILE B 339 -18.10 5.61 -4.93
C ILE B 339 -18.44 7.09 -5.00
N HIS B 340 -19.74 7.41 -5.19
CA HIS B 340 -20.15 8.81 -5.22
C HIS B 340 -19.76 9.52 -3.93
N CYS B 341 -19.80 8.82 -2.80
CA CYS B 341 -19.39 9.40 -1.52
C CYS B 341 -17.93 9.82 -1.50
N LEU B 342 -17.12 9.38 -2.45
CA LEU B 342 -15.70 9.71 -2.47
C LEU B 342 -15.34 10.78 -3.47
N GLN B 343 -16.33 11.38 -4.14
CA GLN B 343 -16.07 12.24 -5.28
C GLN B 343 -15.84 13.67 -4.87
N ASN B 344 -15.97 13.98 -3.59
CA ASN B 344 -15.68 15.30 -3.04
C ASN B 344 -14.95 15.14 -1.72
N HIS B 345 -13.82 14.37 -1.76
CA HIS B 345 -13.12 13.98 -0.56
C HIS B 345 -12.24 15.13 -0.04
N PRO B 346 -12.14 15.29 1.27
CA PRO B 346 -11.25 16.33 1.80
C PRO B 346 -9.84 16.30 1.27
N GLU B 347 -9.31 15.12 0.94
CA GLU B 347 -7.93 15.04 0.46
C GLU B 347 -7.73 15.75 -0.88
N HIS B 348 -8.81 15.97 -1.65
CA HIS B 348 -8.76 16.64 -2.96
C HIS B 348 -9.27 18.10 -2.92
N MET B 349 -9.53 18.63 -1.73
CA MET B 349 -9.98 20.04 -1.55
C MET B 349 -8.77 20.95 -1.55
#